data_7CNL
#
_entry.id   7CNL
#
_cell.length_a   150.808
_cell.length_b   65.372
_cell.length_c   123.016
_cell.angle_alpha   90.000
_cell.angle_beta   90.000
_cell.angle_gamma   90.000
#
_symmetry.space_group_name_H-M   'P 21 21 21'
#
loop_
_entity.id
_entity.type
_entity.pdbx_description
1 polymer 'Transcriptional enhancer factor TEF-5'
2 non-polymer N-oxidanyltetradecanamide
3 non-polymer 'PHOSPHATE ION'
4 non-polymer 'CHLORIDE ION'
5 non-polymer N-[(1S)-1-pyridin-2-ylethyl]-8-[4-(trifluoromethyl)phenyl]quinoline-3-carboxamide
6 non-polymer 2-AMINO-2-HYDROXYMETHYL-PROPANE-1,3-DIOL
7 water water
#
_entity_poly.entity_id   1
_entity_poly.type   'polypeptide(L)'
_entity_poly.pdbx_seq_one_letter_code
;GQDRTIASSRLRLLEYSAFMEVQRDPDTYSKHLFVHIGQTNPAFSDPPLEAVDVRQIYDKFPEKKGGLKELYEKGPPNAF
FLVKFWADLNSTIQEGPGAFYGVSSQYSSADSMTISVSTKVCSFGKQVVEKVETEYARLENGRFVYRIHRSPMCEYMINF
IHKLKHLPEKYMMNSVLENFTILQVVTSRDSQETLLVIAFVFEVSTSEHGAQHHVYKLVKD
;
_entity_poly.pdbx_strand_id   A,B,C,D
#
# COMPACT_ATOMS: atom_id res chain seq x y z
N THR A 5 -15.30 -8.74 13.78
CA THR A 5 -13.84 -8.59 13.55
C THR A 5 -13.12 -9.87 13.98
N ILE A 6 -12.02 -10.19 13.29
CA ILE A 6 -11.21 -11.43 13.48
C ILE A 6 -9.87 -11.02 14.11
N ALA A 7 -9.70 -11.31 15.40
CA ALA A 7 -8.51 -10.90 16.20
C ALA A 7 -8.23 -11.94 17.28
N SER A 8 -6.99 -12.43 17.33
CA SER A 8 -6.38 -13.12 18.50
C SER A 8 -5.95 -12.05 19.50
N SER A 9 -5.25 -12.46 20.57
CA SER A 9 -4.63 -11.55 21.56
C SER A 9 -3.50 -10.75 20.90
N ARG A 10 -2.86 -11.30 19.85
CA ARG A 10 -1.56 -10.84 19.31
C ARG A 10 -1.70 -10.17 17.93
N LEU A 11 -2.74 -10.47 17.17
CA LEU A 11 -2.89 -9.99 15.77
C LEU A 11 -4.37 -9.89 15.41
N ARG A 12 -4.71 -8.87 14.61
CA ARG A 12 -6.06 -8.58 14.11
C ARG A 12 -5.99 -8.48 12.59
N LEU A 13 -6.87 -9.21 11.89
CA LEU A 13 -7.17 -9.02 10.45
C LEU A 13 -8.04 -7.77 10.31
N LEU A 14 -7.63 -6.79 9.50
CA LEU A 14 -8.41 -5.55 9.24
C LEU A 14 -9.16 -5.70 7.91
N GLU A 15 -8.51 -6.25 6.88
CA GLU A 15 -9.05 -6.36 5.51
C GLU A 15 -8.53 -7.65 4.87
N TYR A 16 -9.43 -8.36 4.19
CA TYR A 16 -9.12 -9.45 3.21
C TYR A 16 -10.03 -9.24 2.00
N SER A 17 -9.46 -9.32 0.80
CA SER A 17 -10.15 -8.97 -0.46
C SER A 17 -9.51 -9.72 -1.63
N ALA A 18 -10.22 -10.71 -2.18
CA ALA A 18 -9.90 -11.41 -3.45
C ALA A 18 -10.74 -10.78 -4.56
N PHE A 19 -10.13 -10.51 -5.71
CA PHE A 19 -10.72 -9.67 -6.79
C PHE A 19 -10.07 -9.98 -8.14
N MET A 20 -10.78 -9.61 -9.22
CA MET A 20 -10.21 -9.49 -10.58
C MET A 20 -10.39 -8.04 -11.05
N GLU A 21 -9.47 -7.56 -11.88
CA GLU A 21 -9.43 -6.16 -12.39
C GLU A 21 -9.11 -6.18 -13.88
N VAL A 22 -9.85 -5.39 -14.66
CA VAL A 22 -9.77 -5.31 -16.14
C VAL A 22 -9.55 -3.85 -16.55
N GLN A 23 -8.69 -3.63 -17.55
CA GLN A 23 -8.39 -2.30 -18.14
C GLN A 23 -9.23 -2.12 -19.42
N ARG A 24 -10.41 -1.47 -19.31
CA ARG A 24 -11.29 -1.16 -20.47
C ARG A 24 -10.51 -0.36 -21.50
N ASP A 25 -9.72 0.62 -21.04
CA ASP A 25 -8.74 1.41 -21.83
C ASP A 25 -7.69 1.93 -20.86
N PRO A 26 -6.59 2.61 -21.32
CA PRO A 26 -5.48 2.94 -20.43
C PRO A 26 -5.84 3.74 -19.17
N ASP A 27 -6.96 4.48 -19.19
CA ASP A 27 -7.39 5.41 -18.11
C ASP A 27 -8.61 4.86 -17.35
N THR A 28 -9.09 3.65 -17.69
CA THR A 28 -10.36 3.10 -17.13
C THR A 28 -10.13 1.66 -16.67
N TYR A 29 -10.42 1.38 -15.40
CA TYR A 29 -10.24 0.05 -14.75
C TYR A 29 -11.56 -0.34 -14.10
N SER A 30 -12.00 -1.58 -14.33
CA SER A 30 -13.12 -2.23 -13.60
C SER A 30 -12.54 -3.26 -12.64
N LYS A 31 -13.02 -3.27 -11.40
CA LYS A 31 -12.59 -4.19 -10.32
C LYS A 31 -13.83 -4.93 -9.81
N HIS A 32 -13.80 -6.26 -9.82
CA HIS A 32 -14.89 -7.14 -9.30
C HIS A 32 -14.35 -7.87 -8.06
N LEU A 33 -15.08 -7.79 -6.94
CA LEU A 33 -14.72 -8.46 -5.66
C LEU A 33 -15.43 -9.82 -5.59
N PHE A 34 -14.65 -10.90 -5.45
CA PHE A 34 -15.11 -12.27 -5.18
C PHE A 34 -15.54 -12.40 -3.71
N VAL A 35 -14.67 -11.97 -2.80
CA VAL A 35 -14.91 -11.97 -1.33
C VAL A 35 -14.31 -10.69 -0.73
N HIS A 36 -14.90 -10.18 0.36
CA HIS A 36 -14.40 -9.00 1.11
C HIS A 36 -14.67 -9.17 2.62
N ILE A 37 -13.71 -8.71 3.44
CA ILE A 37 -13.80 -8.48 4.91
C ILE A 37 -13.25 -7.07 5.15
N GLY A 38 -13.97 -6.23 5.91
CA GLY A 38 -13.65 -4.81 6.10
C GLY A 38 -13.73 -4.41 7.56
N ASP A 46 -17.70 -4.47 18.60
CA ASP A 46 -17.31 -5.71 17.87
C ASP A 46 -18.08 -6.90 18.45
N PRO A 47 -19.15 -7.36 17.77
CA PRO A 47 -19.97 -8.49 18.26
C PRO A 47 -19.18 -9.70 18.76
N PRO A 48 -19.81 -10.56 19.59
CA PRO A 48 -19.25 -11.88 19.91
C PRO A 48 -19.65 -12.85 18.80
N LEU A 49 -18.94 -13.98 18.71
CA LEU A 49 -19.07 -14.96 17.60
C LEU A 49 -19.74 -16.24 18.11
N GLU A 50 -20.70 -16.76 17.34
CA GLU A 50 -21.24 -18.13 17.53
C GLU A 50 -20.07 -19.10 17.40
N ALA A 51 -20.08 -20.20 18.17
CA ALA A 51 -18.99 -21.20 18.23
C ALA A 51 -19.28 -22.37 17.29
N VAL A 52 -18.21 -23.04 16.84
CA VAL A 52 -18.25 -24.23 15.95
C VAL A 52 -17.15 -25.20 16.41
N ASP A 53 -17.47 -26.50 16.51
CA ASP A 53 -16.52 -27.54 16.95
C ASP A 53 -15.46 -27.67 15.87
N VAL A 54 -14.19 -27.49 16.25
CA VAL A 54 -13.01 -27.58 15.34
C VAL A 54 -12.88 -29.01 14.81
N ARG A 55 -13.41 -29.99 15.55
CA ARG A 55 -13.31 -31.44 15.24
C ARG A 55 -14.21 -31.80 14.05
N GLN A 56 -15.13 -30.92 13.66
CA GLN A 56 -16.04 -31.13 12.50
C GLN A 56 -15.39 -30.62 11.21
N ILE A 57 -14.23 -29.95 11.26
CA ILE A 57 -13.49 -29.49 10.04
C ILE A 57 -12.11 -30.13 9.90
N TYR A 58 -11.66 -30.99 10.83
CA TYR A 58 -10.38 -31.73 10.71
C TYR A 58 -10.30 -32.41 9.34
N ASP A 59 -11.42 -32.97 8.85
CA ASP A 59 -11.49 -33.76 7.59
C ASP A 59 -11.43 -32.86 6.35
N LYS A 60 -11.52 -31.53 6.51
CA LYS A 60 -11.54 -30.55 5.38
C LYS A 60 -10.17 -29.89 5.20
N PHE A 61 -9.15 -30.34 5.95
CA PHE A 61 -7.77 -29.79 5.92
C PHE A 61 -6.75 -30.91 6.15
N PRO A 62 -5.51 -30.81 5.62
CA PRO A 62 -4.48 -31.83 5.85
C PRO A 62 -4.28 -32.06 7.36
N GLU A 63 -3.94 -33.28 7.77
CA GLU A 63 -4.02 -33.69 9.20
C GLU A 63 -2.85 -34.60 9.63
N LYS A 64 -1.69 -34.52 8.98
CA LYS A 64 -0.46 -35.21 9.48
C LYS A 64 0.25 -34.24 10.43
N LYS A 65 1.56 -34.00 10.26
CA LYS A 65 2.28 -32.89 10.94
C LYS A 65 1.98 -31.60 10.17
N GLY A 66 1.89 -30.47 10.89
CA GLY A 66 1.48 -29.16 10.34
C GLY A 66 -0.03 -29.11 10.07
N GLY A 67 -0.77 -30.11 10.54
CA GLY A 67 -2.23 -30.26 10.33
C GLY A 67 -3.01 -29.45 11.35
N LEU A 68 -4.30 -29.19 11.06
CA LEU A 68 -5.16 -28.26 11.85
C LEU A 68 -5.33 -28.80 13.27
N LYS A 69 -5.41 -30.12 13.45
CA LYS A 69 -5.59 -30.75 14.79
C LYS A 69 -4.38 -30.41 15.67
N GLU A 70 -3.16 -30.57 15.12
CA GLU A 70 -1.89 -30.38 15.87
C GLU A 70 -1.65 -28.88 16.09
N LEU A 71 -2.13 -28.02 15.18
CA LEU A 71 -2.09 -26.54 15.33
C LEU A 71 -2.97 -26.13 16.51
N TYR A 72 -4.25 -26.56 16.50
CA TYR A 72 -5.23 -26.21 17.56
C TYR A 72 -4.70 -26.67 18.93
N GLU A 73 -4.08 -27.85 18.99
CA GLU A 73 -3.52 -28.45 20.23
C GLU A 73 -2.32 -27.64 20.71
N LYS A 74 -1.50 -27.13 19.79
CA LYS A 74 -0.34 -26.25 20.08
C LYS A 74 -0.83 -24.96 20.76
N GLY A 75 -1.99 -24.45 20.33
CA GLY A 75 -2.62 -23.22 20.86
C GLY A 75 -2.01 -21.97 20.27
N PRO A 76 -2.39 -20.76 20.74
CA PRO A 76 -3.50 -20.60 21.68
C PRO A 76 -4.85 -20.76 20.99
N PRO A 77 -5.93 -21.12 21.73
CA PRO A 77 -7.25 -21.31 21.12
C PRO A 77 -7.94 -20.00 20.68
N ASN A 78 -7.51 -18.85 21.21
CA ASN A 78 -8.13 -17.52 20.92
C ASN A 78 -7.81 -17.08 19.49
N ALA A 79 -7.04 -17.89 18.76
CA ALA A 79 -6.41 -17.54 17.46
C ALA A 79 -7.18 -18.16 16.28
N PHE A 80 -8.14 -19.05 16.54
CA PHE A 80 -8.75 -19.96 15.52
C PHE A 80 -10.17 -19.49 15.17
N PHE A 81 -10.40 -19.17 13.91
CA PHE A 81 -11.70 -18.69 13.38
C PHE A 81 -12.09 -19.52 12.16
N LEU A 82 -13.37 -19.58 11.87
CA LEU A 82 -13.94 -20.10 10.59
C LEU A 82 -14.68 -18.96 9.92
N VAL A 83 -14.36 -18.67 8.66
CA VAL A 83 -15.15 -17.73 7.81
C VAL A 83 -15.85 -18.56 6.73
N LYS A 84 -17.17 -18.46 6.65
CA LYS A 84 -17.95 -18.95 5.47
C LYS A 84 -18.13 -17.77 4.52
N PHE A 85 -17.66 -17.90 3.29
CA PHE A 85 -17.79 -16.89 2.21
C PHE A 85 -18.86 -17.34 1.22
N TRP A 86 -19.81 -16.45 0.93
CA TRP A 86 -20.65 -16.51 -0.29
C TRP A 86 -19.92 -15.72 -1.38
N ALA A 87 -19.11 -16.41 -2.19
CA ALA A 87 -18.27 -15.81 -3.25
C ALA A 87 -19.16 -15.31 -4.40
N ASP A 88 -18.94 -14.07 -4.84
CA ASP A 88 -19.64 -13.46 -6.00
C ASP A 88 -18.90 -13.87 -7.27
N LEU A 89 -19.53 -14.68 -8.12
CA LEU A 89 -18.94 -15.17 -9.40
C LEU A 89 -19.75 -14.65 -10.59
N ASN A 90 -20.45 -13.52 -10.42
CA ASN A 90 -21.19 -12.83 -11.51
C ASN A 90 -20.16 -12.15 -12.42
N SER A 91 -20.46 -12.08 -13.73
CA SER A 91 -19.66 -11.35 -14.74
C SER A 91 -20.14 -9.89 -14.80
N THR A 92 -19.90 -9.13 -13.72
CA THR A 92 -20.35 -7.72 -13.53
C THR A 92 -19.40 -6.76 -14.27
N ILE A 93 -18.18 -7.22 -14.59
CA ILE A 93 -17.18 -6.48 -15.43
C ILE A 93 -16.91 -7.33 -16.67
N GLN A 94 -16.93 -6.70 -17.85
CA GLN A 94 -16.79 -7.35 -19.19
C GLN A 94 -15.43 -8.07 -19.24
N GLU A 95 -15.45 -9.35 -19.63
CA GLU A 95 -14.31 -10.31 -19.51
C GLU A 95 -13.30 -10.04 -20.62
N GLY A 96 -12.39 -9.09 -20.40
CA GLY A 96 -11.17 -8.92 -21.23
C GLY A 96 -10.15 -9.99 -20.89
N PRO A 97 -9.46 -10.61 -21.89
CA PRO A 97 -8.39 -11.55 -21.61
C PRO A 97 -7.16 -10.84 -21.03
N GLY A 98 -6.34 -11.55 -20.25
CA GLY A 98 -5.12 -11.02 -19.61
C GLY A 98 -5.43 -10.02 -18.51
N ALA A 99 -6.50 -10.26 -17.74
CA ALA A 99 -6.95 -9.45 -16.58
C ALA A 99 -6.15 -9.84 -15.34
N PHE A 100 -6.10 -8.98 -14.32
CA PHE A 100 -5.36 -9.20 -13.04
C PHE A 100 -6.28 -9.90 -12.03
N TYR A 101 -5.83 -11.06 -11.52
CA TYR A 101 -6.47 -11.80 -10.40
C TYR A 101 -5.56 -11.68 -9.17
N GLY A 102 -6.09 -11.06 -8.10
CA GLY A 102 -5.27 -10.58 -6.96
C GLY A 102 -5.97 -10.73 -5.62
N VAL A 103 -5.16 -10.67 -4.55
CA VAL A 103 -5.59 -10.78 -3.13
C VAL A 103 -4.87 -9.68 -2.32
N SER A 104 -5.64 -8.81 -1.67
CA SER A 104 -5.16 -7.73 -0.77
C SER A 104 -5.62 -8.05 0.65
N SER A 105 -4.73 -7.96 1.63
CA SER A 105 -5.10 -8.12 3.06
C SER A 105 -4.21 -7.25 3.95
N GLN A 106 -4.74 -6.87 5.11
CA GLN A 106 -4.06 -6.05 6.14
C GLN A 106 -4.26 -6.71 7.49
N TYR A 107 -3.21 -6.74 8.31
CA TYR A 107 -3.26 -7.14 9.74
C TYR A 107 -2.73 -5.98 10.57
N SER A 108 -2.99 -5.99 11.88
CA SER A 108 -2.40 -5.04 12.86
C SER A 108 -2.15 -5.76 14.20
N SER A 109 -1.12 -5.29 14.91
CA SER A 109 -0.74 -5.76 16.27
C SER A 109 -0.22 -4.56 17.07
N ALA A 110 -0.26 -4.66 18.40
CA ALA A 110 0.31 -3.67 19.35
C ALA A 110 1.84 -3.76 19.35
N ASP A 111 2.37 -4.97 19.11
CA ASP A 111 3.83 -5.29 19.15
C ASP A 111 4.39 -5.33 17.73
N SER A 112 5.63 -4.86 17.55
CA SER A 112 6.42 -5.04 16.30
C SER A 112 6.91 -6.49 16.25
N MET A 113 6.61 -7.18 15.16
CA MET A 113 7.11 -8.55 14.89
C MET A 113 7.13 -8.76 13.38
N THR A 114 7.89 -9.75 12.91
CA THR A 114 7.90 -10.21 11.50
C THR A 114 7.00 -11.43 11.40
N ILE A 115 5.96 -11.35 10.56
CA ILE A 115 4.90 -12.39 10.45
C ILE A 115 5.11 -13.18 9.16
N SER A 116 4.85 -14.50 9.20
CA SER A 116 4.76 -15.37 8.01
C SER A 116 3.29 -15.73 7.79
N VAL A 117 2.79 -15.50 6.58
CA VAL A 117 1.35 -15.70 6.21
C VAL A 117 1.29 -16.90 5.25
N SER A 118 0.93 -18.07 5.77
CA SER A 118 0.73 -19.31 4.98
C SER A 118 -0.73 -19.39 4.53
N THR A 119 -0.96 -19.51 3.22
CA THR A 119 -2.30 -19.68 2.60
C THR A 119 -2.32 -21.01 1.83
N LYS A 120 -2.84 -22.08 2.45
CA LYS A 120 -2.99 -23.41 1.79
C LYS A 120 -4.35 -23.49 1.09
N VAL A 121 -4.36 -23.56 -0.24
CA VAL A 121 -5.56 -24.00 -1.02
C VAL A 121 -5.66 -25.52 -0.92
N CYS A 122 -6.80 -26.04 -0.46
CA CYS A 122 -7.04 -27.50 -0.31
C CYS A 122 -8.20 -27.95 -1.20
N SER A 123 -8.08 -29.15 -1.78
CA SER A 123 -9.17 -29.87 -2.48
C SER A 123 -9.32 -31.27 -1.86
N PHE A 124 -10.52 -31.61 -1.39
CA PHE A 124 -10.85 -32.89 -0.71
C PHE A 124 -9.91 -33.09 0.49
N GLY A 125 -9.64 -32.01 1.22
CA GLY A 125 -8.84 -32.00 2.46
C GLY A 125 -7.35 -32.24 2.20
N LYS A 126 -6.89 -31.99 0.97
CA LYS A 126 -5.48 -32.19 0.55
C LYS A 126 -4.94 -30.88 -0.06
N GLN A 127 -3.72 -30.51 0.32
CA GLN A 127 -3.00 -29.30 -0.17
C GLN A 127 -2.70 -29.46 -1.66
N VAL A 128 -3.12 -28.51 -2.49
CA VAL A 128 -2.70 -28.39 -3.92
C VAL A 128 -1.79 -27.17 -4.10
N VAL A 129 -1.94 -26.13 -3.26
CA VAL A 129 -1.13 -24.87 -3.32
C VAL A 129 -0.91 -24.34 -1.90
N GLU A 130 0.34 -24.07 -1.52
CA GLU A 130 0.67 -23.19 -0.37
C GLU A 130 1.38 -21.94 -0.91
N LYS A 131 0.87 -20.75 -0.57
CA LYS A 131 1.56 -19.46 -0.78
C LYS A 131 2.11 -18.98 0.56
N VAL A 132 3.39 -18.62 0.63
CA VAL A 132 4.04 -18.09 1.87
C VAL A 132 4.61 -16.71 1.58
N GLU A 133 4.14 -15.70 2.32
CA GLU A 133 4.62 -14.30 2.25
C GLU A 133 5.08 -13.87 3.64
N THR A 134 6.31 -13.40 3.77
CA THR A 134 6.84 -12.74 4.99
C THR A 134 6.47 -11.26 4.94
N GLU A 135 5.90 -10.71 6.01
CA GLU A 135 5.56 -9.27 6.09
C GLU A 135 6.23 -8.63 7.31
N TYR A 136 6.69 -7.39 7.13
CA TYR A 136 7.49 -6.62 8.12
C TYR A 136 6.62 -5.50 8.71
N ALA A 137 6.59 -5.42 10.04
CA ALA A 137 5.78 -4.43 10.81
C ALA A 137 6.09 -3.02 10.31
N ARG A 138 5.06 -2.19 10.18
CA ARG A 138 5.15 -0.74 9.87
C ARG A 138 4.44 0.01 11.00
N LEU A 139 5.17 0.89 11.70
CA LEU A 139 4.60 1.75 12.78
C LEU A 139 3.57 2.69 12.16
N GLU A 140 2.36 2.73 12.69
CA GLU A 140 1.27 3.57 12.13
C GLU A 140 0.24 3.87 13.22
N ASN A 141 0.26 5.11 13.69
CA ASN A 141 -0.70 5.64 14.70
C ASN A 141 -0.52 4.82 15.97
N GLY A 142 0.73 4.54 16.33
CA GLY A 142 1.14 3.90 17.61
C GLY A 142 0.86 2.40 17.64
N ARG A 143 0.45 1.82 16.51
CA ARG A 143 0.22 0.36 16.34
C ARG A 143 1.15 -0.12 15.22
N PHE A 144 1.18 -1.43 14.94
CA PHE A 144 1.96 -2.02 13.83
C PHE A 144 0.98 -2.62 12.82
N VAL A 145 1.21 -2.34 11.53
CA VAL A 145 0.35 -2.80 10.42
C VAL A 145 1.20 -3.61 9.43
N TYR A 146 0.56 -4.58 8.79
CA TYR A 146 1.15 -5.48 7.78
C TYR A 146 0.22 -5.46 6.56
N ARG A 147 0.72 -4.94 5.43
CA ARG A 147 -0.04 -4.86 4.15
C ARG A 147 0.53 -5.88 3.17
N ILE A 148 -0.32 -6.78 2.67
CA ILE A 148 -0.13 -7.55 1.42
C ILE A 148 -1.05 -6.91 0.38
N HIS A 149 -0.47 -6.22 -0.60
CA HIS A 149 -1.19 -5.39 -1.60
C HIS A 149 -1.14 -6.07 -2.97
N ARG A 150 -2.30 -6.34 -3.58
CA ARG A 150 -2.43 -6.94 -4.93
C ARG A 150 -1.47 -8.11 -5.06
N SER A 151 -1.53 -9.09 -4.15
CA SER A 151 -0.79 -10.36 -4.27
C SER A 151 -1.43 -11.18 -5.38
N PRO A 152 -0.73 -11.43 -6.51
CA PRO A 152 -1.37 -12.07 -7.67
C PRO A 152 -1.73 -13.53 -7.38
N MET A 153 -2.91 -13.96 -7.83
CA MET A 153 -3.42 -15.35 -7.66
C MET A 153 -2.57 -16.31 -8.51
N CYS A 154 -2.42 -17.56 -8.09
CA CYS A 154 -1.78 -18.63 -8.90
C CYS A 154 -2.74 -19.03 -10.04
N GLU A 155 -2.22 -19.72 -11.05
CA GLU A 155 -3.00 -20.25 -12.20
C GLU A 155 -4.01 -21.27 -11.68
N TYR A 156 -3.62 -22.10 -10.71
CA TYR A 156 -4.55 -23.07 -10.08
C TYR A 156 -5.89 -22.38 -9.78
N MET A 157 -5.84 -21.27 -9.02
CA MET A 157 -7.03 -20.55 -8.52
C MET A 157 -7.78 -19.86 -9.67
N ILE A 158 -7.06 -19.28 -10.64
CA ILE A 158 -7.68 -18.53 -11.77
C ILE A 158 -8.42 -19.53 -12.68
N ASN A 159 -7.85 -20.73 -12.89
CA ASN A 159 -8.48 -21.84 -13.64
C ASN A 159 -9.75 -22.29 -12.91
N PHE A 160 -9.64 -22.55 -11.61
CA PHE A 160 -10.76 -22.97 -10.72
C PHE A 160 -11.91 -21.97 -10.87
N ILE A 161 -11.60 -20.67 -10.83
CA ILE A 161 -12.61 -19.57 -10.97
C ILE A 161 -13.22 -19.64 -12.37
N HIS A 162 -12.43 -19.97 -13.40
CA HIS A 162 -12.91 -20.15 -14.79
C HIS A 162 -13.84 -21.38 -14.85
N LYS A 163 -13.43 -22.50 -14.26
CA LYS A 163 -14.22 -23.77 -14.27
C LYS A 163 -15.62 -23.51 -13.69
N LEU A 164 -15.68 -22.78 -12.56
CA LEU A 164 -16.94 -22.55 -11.80
C LEU A 164 -17.88 -21.65 -12.59
N LYS A 165 -17.35 -20.63 -13.27
CA LYS A 165 -18.18 -19.61 -13.98
C LYS A 165 -18.77 -20.22 -15.25
N HIS A 166 -18.11 -21.22 -15.84
CA HIS A 166 -18.54 -21.92 -17.09
C HIS A 166 -19.54 -23.04 -16.78
N LEU A 167 -19.87 -23.27 -15.51
CA LEU A 167 -20.98 -24.18 -15.10
C LEU A 167 -22.30 -23.45 -15.31
N PRO A 168 -23.36 -24.14 -15.79
CA PRO A 168 -24.64 -23.48 -16.09
C PRO A 168 -25.48 -23.12 -14.86
N GLU A 169 -25.36 -23.88 -13.76
CA GLU A 169 -26.27 -23.81 -12.58
C GLU A 169 -25.47 -23.63 -11.29
N LYS A 170 -25.92 -22.69 -10.44
CA LYS A 170 -25.26 -22.30 -9.16
C LYS A 170 -25.13 -23.49 -8.22
N TYR A 171 -26.05 -24.47 -8.29
CA TYR A 171 -26.06 -25.66 -7.40
C TYR A 171 -24.88 -26.57 -7.75
N MET A 172 -24.42 -26.52 -9.00
CA MET A 172 -23.27 -27.33 -9.48
C MET A 172 -21.98 -26.70 -8.96
N MET A 173 -21.91 -25.36 -8.99
CA MET A 173 -20.80 -24.56 -8.41
C MET A 173 -20.64 -24.92 -6.93
N ASN A 174 -21.74 -24.85 -6.18
CA ASN A 174 -21.82 -25.15 -4.72
C ASN A 174 -21.42 -26.61 -4.47
N SER A 175 -21.62 -27.49 -5.45
CA SER A 175 -21.27 -28.93 -5.36
C SER A 175 -19.74 -29.08 -5.40
N VAL A 176 -19.06 -28.39 -6.33
CA VAL A 176 -17.58 -28.35 -6.42
C VAL A 176 -17.03 -27.70 -5.14
N LEU A 177 -17.61 -26.55 -4.75
CA LEU A 177 -17.10 -25.69 -3.66
C LEU A 177 -17.12 -26.43 -2.32
N GLU A 178 -18.01 -27.42 -2.12
CA GLU A 178 -18.12 -28.21 -0.86
C GLU A 178 -16.76 -28.83 -0.52
N ASN A 179 -15.95 -29.19 -1.53
CA ASN A 179 -14.68 -29.93 -1.37
C ASN A 179 -13.48 -28.97 -1.47
N PHE A 180 -13.74 -27.66 -1.53
CA PHE A 180 -12.73 -26.58 -1.64
C PHE A 180 -12.66 -25.79 -0.33
N THR A 181 -11.49 -25.81 0.32
CA THR A 181 -11.25 -25.05 1.57
C THR A 181 -9.86 -24.40 1.50
N ILE A 182 -9.73 -23.21 2.09
CA ILE A 182 -8.43 -22.50 2.26
C ILE A 182 -8.14 -22.39 3.76
N LEU A 183 -6.90 -22.67 4.15
CA LEU A 183 -6.40 -22.47 5.53
C LEU A 183 -5.32 -21.40 5.49
N GLN A 184 -5.53 -20.28 6.19
CA GLN A 184 -4.55 -19.20 6.37
C GLN A 184 -4.00 -19.31 7.79
N VAL A 185 -2.69 -19.52 7.93
CA VAL A 185 -1.99 -19.57 9.26
C VAL A 185 -0.96 -18.44 9.27
N VAL A 186 -1.10 -17.52 10.23
CA VAL A 186 -0.15 -16.39 10.44
C VAL A 186 0.69 -16.72 11.68
N THR A 187 2.02 -16.77 11.51
CA THR A 187 3.00 -17.04 12.58
C THR A 187 4.02 -15.91 12.66
N SER A 188 4.49 -15.61 13.86
CA SER A 188 5.78 -14.92 14.13
C SER A 188 6.89 -15.69 13.41
N ARG A 189 7.60 -15.07 12.47
CA ARG A 189 8.63 -15.73 11.61
C ARG A 189 9.66 -16.42 12.50
N ASP A 190 10.05 -15.76 13.60
CA ASP A 190 11.17 -16.19 14.49
C ASP A 190 10.69 -17.29 15.44
N SER A 191 9.75 -16.98 16.34
CA SER A 191 9.27 -17.89 17.42
C SER A 191 8.38 -19.03 16.85
N GLN A 192 7.83 -18.86 15.64
CA GLN A 192 6.87 -19.82 15.00
C GLN A 192 5.60 -19.95 15.85
N GLU A 193 5.35 -18.99 16.74
CA GLU A 193 4.15 -18.87 17.59
C GLU A 193 2.94 -18.57 16.67
N THR A 194 1.83 -19.28 16.84
CA THR A 194 0.58 -19.06 16.07
C THR A 194 -0.04 -17.75 16.51
N LEU A 195 -0.25 -16.81 15.59
CA LEU A 195 -0.82 -15.47 15.84
C LEU A 195 -2.30 -15.43 15.45
N LEU A 196 -2.68 -16.16 14.40
CA LEU A 196 -4.03 -16.07 13.80
C LEU A 196 -4.20 -17.20 12.79
N VAL A 197 -5.27 -17.98 12.92
CA VAL A 197 -5.63 -19.10 12.00
C VAL A 197 -7.05 -18.86 11.50
N ILE A 198 -7.27 -18.90 10.19
CA ILE A 198 -8.62 -18.67 9.59
C ILE A 198 -8.91 -19.75 8.55
N ALA A 199 -9.78 -20.70 8.89
CA ALA A 199 -10.34 -21.70 7.94
C ALA A 199 -11.43 -21.01 7.10
N PHE A 200 -11.35 -21.14 5.77
CA PHE A 200 -12.36 -20.61 4.81
C PHE A 200 -13.12 -21.79 4.19
N VAL A 201 -14.47 -21.71 4.20
CA VAL A 201 -15.37 -22.59 3.42
C VAL A 201 -16.21 -21.69 2.51
N PHE A 202 -16.70 -22.21 1.39
CA PHE A 202 -17.28 -21.41 0.29
C PHE A 202 -18.62 -21.99 -0.18
N GLU A 203 -19.58 -21.09 -0.43
CA GLU A 203 -20.71 -21.27 -1.36
C GLU A 203 -20.71 -20.09 -2.33
N VAL A 204 -21.58 -20.12 -3.33
CA VAL A 204 -21.77 -19.04 -4.33
C VAL A 204 -22.81 -18.06 -3.80
N SER A 205 -22.69 -16.79 -4.17
CA SER A 205 -23.68 -15.72 -3.87
C SER A 205 -24.85 -15.81 -4.87
N THR A 206 -26.09 -15.63 -4.40
CA THR A 206 -27.32 -15.57 -5.25
C THR A 206 -27.97 -14.19 -5.17
N SER A 207 -28.08 -13.63 -3.95
CA SER A 207 -28.63 -12.27 -3.68
C SER A 207 -27.80 -11.22 -4.43
N GLU A 208 -28.45 -10.16 -4.92
CA GLU A 208 -27.79 -9.04 -5.65
C GLU A 208 -27.16 -8.07 -4.65
N HIS A 209 -27.30 -8.33 -3.34
CA HIS A 209 -26.48 -7.72 -2.26
C HIS A 209 -25.00 -8.05 -2.49
N GLY A 210 -24.73 -9.21 -3.10
CA GLY A 210 -23.40 -9.60 -3.64
C GLY A 210 -22.69 -10.61 -2.75
N ALA A 211 -21.38 -10.49 -2.63
CA ALA A 211 -20.52 -11.31 -1.73
C ALA A 211 -20.91 -11.02 -0.28
N GLN A 212 -21.18 -12.07 0.48
CA GLN A 212 -21.47 -12.04 1.93
C GLN A 212 -20.44 -12.92 2.64
N HIS A 213 -20.34 -12.81 3.96
CA HIS A 213 -19.49 -13.69 4.80
C HIS A 213 -20.10 -13.81 6.20
N HIS A 214 -19.86 -14.93 6.86
CA HIS A 214 -20.20 -15.17 8.29
C HIS A 214 -18.93 -15.63 9.02
N VAL A 215 -18.68 -15.10 10.21
CA VAL A 215 -17.48 -15.45 11.04
C VAL A 215 -17.94 -16.29 12.23
N TYR A 216 -17.26 -17.41 12.49
CA TYR A 216 -17.42 -18.27 13.70
C TYR A 216 -16.09 -18.38 14.44
N LYS A 217 -16.17 -18.57 15.77
CA LYS A 217 -15.03 -18.99 16.61
C LYS A 217 -14.92 -20.51 16.51
N LEU A 218 -13.71 -21.05 16.36
CA LEU A 218 -13.42 -22.49 16.44
C LEU A 218 -13.10 -22.86 17.90
N VAL A 219 -13.80 -23.85 18.45
CA VAL A 219 -13.65 -24.33 19.84
C VAL A 219 -13.49 -25.87 19.80
N LYS A 220 -12.97 -26.48 20.87
CA LYS A 220 -12.79 -27.95 20.95
C LYS A 220 -13.94 -28.59 21.73
N ASP A 221 -14.47 -27.90 22.76
CA ASP A 221 -15.58 -28.34 23.65
C ASP A 221 -14.99 -29.01 24.90
N ARG B 4 28.37 -25.02 -14.34
CA ARG B 4 27.76 -24.05 -15.32
C ARG B 4 26.75 -23.15 -14.59
N THR B 5 26.71 -21.86 -14.94
CA THR B 5 25.88 -20.83 -14.25
C THR B 5 24.56 -20.64 -15.01
N ILE B 6 23.46 -20.67 -14.27
CA ILE B 6 22.06 -20.48 -14.77
C ILE B 6 21.66 -19.02 -14.49
N ALA B 7 21.48 -18.21 -15.54
CA ALA B 7 21.10 -16.79 -15.41
C ALA B 7 20.35 -16.30 -16.64
N SER B 8 19.39 -15.39 -16.44
CA SER B 8 18.76 -14.55 -17.49
C SER B 8 19.45 -13.18 -17.48
N SER B 9 18.92 -12.22 -18.25
CA SER B 9 19.35 -10.80 -18.24
C SER B 9 19.05 -10.16 -16.88
N ARG B 10 18.10 -10.71 -16.11
CA ARG B 10 17.46 -10.02 -14.95
C ARG B 10 17.61 -10.79 -13.63
N LEU B 11 17.99 -12.07 -13.64
CA LEU B 11 18.09 -12.90 -12.41
C LEU B 11 19.05 -14.07 -12.63
N ARG B 12 19.86 -14.35 -11.62
CA ARG B 12 20.89 -15.42 -11.64
C ARG B 12 20.56 -16.40 -10.52
N LEU B 13 20.67 -17.71 -10.77
CA LEU B 13 20.67 -18.75 -9.72
C LEU B 13 22.09 -18.85 -9.17
N LEU B 14 22.25 -18.73 -7.85
CA LEU B 14 23.58 -18.81 -7.17
C LEU B 14 23.76 -20.20 -6.54
N GLU B 15 22.70 -20.77 -5.96
CA GLU B 15 22.76 -22.12 -5.34
C GLU B 15 21.34 -22.72 -5.28
N TYR B 16 21.26 -24.05 -5.32
CA TYR B 16 20.04 -24.86 -5.09
C TYR B 16 20.45 -26.19 -4.47
N SER B 17 19.80 -26.59 -3.38
CA SER B 17 20.03 -27.91 -2.73
C SER B 17 18.72 -28.43 -2.13
N ALA B 18 18.51 -29.74 -2.26
CA ALA B 18 17.47 -30.52 -1.55
C ALA B 18 18.20 -31.50 -0.61
N PHE B 19 17.80 -31.54 0.65
CA PHE B 19 18.58 -32.22 1.73
C PHE B 19 17.65 -32.81 2.78
N MET B 20 18.17 -33.83 3.47
CA MET B 20 17.65 -34.35 4.76
C MET B 20 18.67 -33.99 5.86
N GLU B 21 18.21 -33.30 6.91
CA GLU B 21 19.01 -33.00 8.13
C GLU B 21 18.53 -33.88 9.28
N VAL B 22 19.42 -34.24 10.21
CA VAL B 22 19.09 -34.91 11.50
C VAL B 22 19.85 -34.20 12.64
N GLN B 23 19.15 -33.36 13.41
CA GLN B 23 19.63 -32.83 14.71
C GLN B 23 19.29 -33.85 15.80
N ARG B 24 19.96 -35.01 15.79
CA ARG B 24 19.73 -36.10 16.78
C ARG B 24 19.59 -35.49 18.18
N ASP B 25 20.63 -34.79 18.63
CA ASP B 25 20.69 -34.06 19.93
C ASP B 25 21.36 -32.72 19.69
N PRO B 26 21.53 -31.84 20.72
CA PRO B 26 22.09 -30.51 20.50
C PRO B 26 23.57 -30.48 20.08
N ASP B 27 24.31 -31.57 20.30
CA ASP B 27 25.78 -31.63 20.02
C ASP B 27 26.07 -32.36 18.70
N THR B 28 25.06 -33.03 18.13
CA THR B 28 25.23 -33.90 16.93
C THR B 28 24.25 -33.47 15.83
N TYR B 29 24.79 -33.28 14.62
CA TYR B 29 24.07 -32.76 13.43
C TYR B 29 24.57 -33.54 12.20
N SER B 30 23.63 -33.99 11.35
CA SER B 30 23.90 -34.70 10.08
C SER B 30 23.11 -34.03 8.95
N LYS B 31 23.65 -34.04 7.73
CA LYS B 31 23.02 -33.48 6.52
C LYS B 31 23.35 -34.37 5.32
N HIS B 32 22.32 -34.98 4.72
CA HIS B 32 22.40 -35.67 3.41
C HIS B 32 21.82 -34.74 2.33
N LEU B 33 22.54 -34.57 1.22
CA LEU B 33 22.07 -33.85 0.00
C LEU B 33 21.53 -34.88 -0.99
N PHE B 34 20.34 -34.65 -1.54
CA PHE B 34 19.73 -35.45 -2.63
C PHE B 34 20.20 -34.89 -3.96
N VAL B 35 20.12 -33.57 -4.11
CA VAL B 35 20.63 -32.81 -5.29
C VAL B 35 21.32 -31.53 -4.78
N HIS B 36 22.26 -31.00 -5.56
CA HIS B 36 23.07 -29.79 -5.23
C HIS B 36 23.42 -29.03 -6.52
N ILE B 37 23.32 -27.71 -6.49
CA ILE B 37 23.86 -26.78 -7.53
C ILE B 37 24.95 -25.94 -6.86
N GLY B 38 26.20 -26.10 -7.30
CA GLY B 38 27.41 -25.54 -6.67
C GLY B 38 27.42 -24.03 -6.63
N GLN B 39 27.66 -23.46 -5.44
CA GLN B 39 28.06 -22.04 -5.25
C GLN B 39 29.33 -21.79 -6.06
N THR B 40 29.38 -20.68 -6.80
CA THR B 40 30.51 -20.29 -7.69
C THR B 40 30.78 -18.79 -7.57
N ASN B 41 31.82 -18.30 -8.26
CA ASN B 41 32.20 -16.86 -8.31
C ASN B 41 31.14 -16.08 -9.08
N PRO B 42 30.44 -15.11 -8.45
CA PRO B 42 29.40 -14.33 -9.12
C PRO B 42 29.85 -13.57 -10.38
N ALA B 43 31.09 -13.06 -10.38
CA ALA B 43 31.70 -12.29 -11.48
C ALA B 43 32.00 -13.21 -12.66
N PHE B 44 32.78 -14.28 -12.43
CA PHE B 44 33.17 -15.29 -13.44
C PHE B 44 31.94 -16.14 -13.79
N SER B 45 31.28 -15.80 -14.92
CA SER B 45 30.10 -16.50 -15.48
C SER B 45 30.52 -17.29 -16.73
N ASP B 46 30.07 -18.54 -16.85
CA ASP B 46 30.22 -19.39 -18.07
C ASP B 46 28.88 -20.07 -18.36
N PRO B 47 27.99 -19.44 -19.16
CA PRO B 47 26.74 -20.07 -19.60
C PRO B 47 26.91 -21.53 -20.05
N PRO B 48 25.84 -22.34 -20.05
CA PRO B 48 25.91 -23.70 -20.57
C PRO B 48 25.99 -23.65 -22.11
N LEU B 49 26.72 -24.58 -22.72
CA LEU B 49 27.02 -24.56 -24.18
C LEU B 49 26.14 -25.56 -24.94
N GLU B 50 25.47 -26.48 -24.23
CA GLU B 50 24.57 -27.50 -24.84
C GLU B 50 23.13 -26.98 -24.82
N ALA B 51 22.42 -27.11 -25.94
CA ALA B 51 21.01 -26.70 -26.10
C ALA B 51 20.11 -27.95 -26.13
N VAL B 52 18.93 -27.86 -25.51
CA VAL B 52 17.81 -28.84 -25.65
C VAL B 52 16.58 -28.09 -26.13
N ASP B 53 16.01 -28.52 -27.25
CA ASP B 53 14.76 -27.98 -27.84
C ASP B 53 13.66 -28.22 -26.80
N VAL B 54 12.94 -27.17 -26.41
CA VAL B 54 11.93 -27.19 -25.31
C VAL B 54 10.80 -28.16 -25.70
N ARG B 55 10.48 -28.24 -26.99
CA ARG B 55 9.45 -29.16 -27.54
C ARG B 55 9.74 -30.59 -27.06
N GLN B 56 11.01 -30.94 -26.84
CA GLN B 56 11.46 -32.30 -26.43
C GLN B 56 10.98 -32.63 -25.00
N ILE B 57 10.55 -31.65 -24.20
CA ILE B 57 10.17 -31.83 -22.75
C ILE B 57 8.73 -31.37 -22.46
N TYR B 58 7.98 -30.88 -23.46
CA TYR B 58 6.58 -30.39 -23.29
C TYR B 58 5.73 -31.46 -22.57
N ASP B 59 5.93 -32.73 -22.90
CA ASP B 59 5.13 -33.88 -22.40
C ASP B 59 5.48 -34.25 -20.95
N LYS B 60 6.53 -33.64 -20.37
CA LYS B 60 6.99 -33.94 -18.98
C LYS B 60 6.59 -32.80 -18.02
N PHE B 61 5.97 -31.73 -18.51
CA PHE B 61 5.51 -30.57 -17.70
C PHE B 61 4.08 -30.20 -18.08
N PRO B 62 3.35 -29.47 -17.19
CA PRO B 62 1.97 -29.05 -17.48
C PRO B 62 1.89 -28.16 -18.73
N GLU B 63 0.84 -28.30 -19.55
CA GLU B 63 0.82 -27.73 -20.92
C GLU B 63 -0.54 -27.17 -21.35
N LYS B 64 -1.39 -26.72 -20.43
CA LYS B 64 -2.55 -25.85 -20.79
C LYS B 64 -2.13 -24.41 -20.49
N LYS B 65 -3.01 -23.57 -19.92
CA LYS B 65 -2.65 -22.19 -19.48
C LYS B 65 -1.77 -22.30 -18.23
N GLY B 66 -0.79 -21.41 -18.10
CA GLY B 66 0.29 -21.50 -17.09
C GLY B 66 1.26 -22.61 -17.43
N GLY B 67 1.19 -23.15 -18.65
CA GLY B 67 2.01 -24.26 -19.14
C GLY B 67 3.38 -23.78 -19.61
N LEU B 68 4.31 -24.71 -19.81
CA LEU B 68 5.73 -24.44 -20.17
C LEU B 68 5.79 -23.90 -21.60
N LYS B 69 4.98 -24.48 -22.50
CA LYS B 69 4.80 -24.02 -23.91
C LYS B 69 4.38 -22.55 -23.90
N GLU B 70 3.25 -22.24 -23.24
CA GLU B 70 2.70 -20.87 -23.14
C GLU B 70 3.72 -19.96 -22.42
N LEU B 71 4.40 -20.47 -21.39
CA LEU B 71 5.40 -19.68 -20.61
C LEU B 71 6.58 -19.31 -21.51
N TYR B 72 7.02 -20.20 -22.40
CA TYR B 72 8.17 -19.97 -23.31
C TYR B 72 7.76 -18.98 -24.43
N GLU B 73 6.56 -19.13 -24.99
CA GLU B 73 5.98 -18.19 -25.99
C GLU B 73 5.96 -16.77 -25.41
N LYS B 74 5.47 -16.63 -24.17
CA LYS B 74 5.42 -15.35 -23.41
C LYS B 74 6.84 -14.79 -23.29
N GLY B 75 7.85 -15.66 -23.17
CA GLY B 75 9.27 -15.28 -23.11
C GLY B 75 9.62 -14.63 -21.77
N PRO B 76 10.83 -14.07 -21.59
CA PRO B 76 11.86 -14.05 -22.63
C PRO B 76 12.59 -15.39 -22.76
N PRO B 77 13.02 -15.80 -23.97
CA PRO B 77 13.63 -17.11 -24.16
C PRO B 77 14.90 -17.32 -23.32
N ASN B 78 15.65 -16.25 -23.04
CA ASN B 78 16.97 -16.29 -22.35
C ASN B 78 16.83 -16.76 -20.90
N ALA B 79 15.59 -16.91 -20.40
CA ALA B 79 15.29 -17.17 -18.97
C ALA B 79 15.09 -18.66 -18.70
N PHE B 80 15.09 -19.50 -19.74
CA PHE B 80 14.61 -20.90 -19.71
C PHE B 80 15.78 -21.87 -19.74
N PHE B 81 15.84 -22.78 -18.76
CA PHE B 81 16.92 -23.77 -18.54
C PHE B 81 16.31 -25.11 -18.19
N LEU B 82 17.03 -26.18 -18.52
CA LEU B 82 16.71 -27.56 -18.10
C LEU B 82 17.91 -28.08 -17.30
N VAL B 83 17.66 -28.56 -16.08
CA VAL B 83 18.69 -29.25 -15.24
C VAL B 83 18.25 -30.70 -15.11
N LYS B 84 19.11 -31.64 -15.53
CA LYS B 84 19.00 -33.08 -15.23
C LYS B 84 19.79 -33.34 -13.94
N PHE B 85 19.15 -33.93 -12.93
CA PHE B 85 19.77 -34.37 -11.66
C PHE B 85 19.87 -35.89 -11.61
N TRP B 86 21.05 -36.42 -11.29
CA TRP B 86 21.25 -37.79 -10.78
C TRP B 86 21.21 -37.69 -9.25
N ALA B 87 20.09 -38.08 -8.64
CA ALA B 87 19.82 -37.87 -7.19
C ALA B 87 20.49 -38.99 -6.38
N ASP B 88 21.07 -38.62 -5.22
CA ASP B 88 21.75 -39.53 -4.27
C ASP B 88 20.73 -40.02 -3.24
N LEU B 89 20.40 -41.31 -3.25
CA LEU B 89 19.38 -41.91 -2.34
C LEU B 89 20.03 -42.94 -1.41
N ASN B 90 21.35 -42.87 -1.23
CA ASN B 90 22.10 -43.73 -0.28
C ASN B 90 21.72 -43.33 1.15
N SER B 91 21.49 -44.33 2.02
CA SER B 91 21.20 -44.14 3.46
C SER B 91 22.53 -44.01 4.23
N THR B 92 23.22 -42.89 4.01
CA THR B 92 24.55 -42.59 4.60
C THR B 92 24.36 -42.13 6.06
N ILE B 93 23.30 -41.37 6.34
CA ILE B 93 22.92 -40.91 7.72
C ILE B 93 21.67 -41.69 8.15
N GLN B 94 21.66 -42.19 9.39
CA GLN B 94 20.49 -42.87 10.02
C GLN B 94 19.34 -41.87 10.14
N GLU B 95 18.23 -42.07 9.42
CA GLU B 95 17.03 -41.18 9.46
C GLU B 95 16.41 -41.28 10.86
N GLY B 96 17.04 -40.64 11.85
CA GLY B 96 16.66 -40.72 13.27
C GLY B 96 15.39 -39.91 13.56
N PRO B 97 15.00 -39.78 14.85
CA PRO B 97 13.90 -38.89 15.23
C PRO B 97 14.24 -37.42 14.99
N GLY B 98 13.24 -36.62 14.58
CA GLY B 98 13.39 -35.18 14.28
C GLY B 98 14.20 -34.95 13.01
N ALA B 99 13.98 -35.77 11.99
CA ALA B 99 14.55 -35.61 10.63
C ALA B 99 13.81 -34.47 9.92
N PHE B 100 14.54 -33.48 9.40
CA PHE B 100 14.00 -32.36 8.60
C PHE B 100 14.30 -32.61 7.12
N TYR B 101 13.28 -32.56 6.26
CA TYR B 101 13.39 -32.57 4.78
C TYR B 101 13.19 -31.13 4.28
N GLY B 102 14.16 -30.63 3.51
CA GLY B 102 14.23 -29.18 3.20
C GLY B 102 14.92 -28.88 1.89
N VAL B 103 14.69 -27.65 1.42
CA VAL B 103 15.18 -27.08 0.14
C VAL B 103 15.76 -25.69 0.44
N SER B 104 16.95 -25.39 -0.09
CA SER B 104 17.63 -24.07 0.04
C SER B 104 18.05 -23.58 -1.33
N SER B 105 17.84 -22.29 -1.63
CA SER B 105 18.28 -21.67 -2.90
C SER B 105 18.51 -20.17 -2.73
N GLN B 106 19.36 -19.60 -3.59
CA GLN B 106 19.73 -18.15 -3.63
C GLN B 106 19.68 -17.68 -5.08
N TYR B 107 19.36 -16.40 -5.28
CA TYR B 107 19.30 -15.73 -6.61
C TYR B 107 19.77 -14.28 -6.45
N SER B 108 20.32 -13.68 -7.50
CA SER B 108 20.75 -12.25 -7.52
C SER B 108 20.23 -11.54 -8.77
N SER B 109 19.88 -10.25 -8.64
CA SER B 109 19.60 -9.31 -9.75
C SER B 109 20.37 -8.00 -9.52
N ALA B 110 20.42 -7.15 -10.55
CA ALA B 110 20.98 -5.78 -10.50
C ALA B 110 19.88 -4.80 -10.11
N ASP B 111 18.64 -5.30 -9.92
CA ASP B 111 17.40 -4.49 -9.75
C ASP B 111 16.82 -4.73 -8.36
N SER B 112 16.11 -3.72 -7.84
CA SER B 112 15.41 -3.74 -6.52
C SER B 112 13.93 -4.08 -6.73
N MET B 113 13.58 -5.38 -6.65
CA MET B 113 12.19 -5.86 -6.84
C MET B 113 11.92 -7.07 -5.93
N THR B 114 10.67 -7.20 -5.49
CA THR B 114 10.11 -8.44 -4.88
C THR B 114 10.00 -9.50 -5.97
N ILE B 115 10.45 -10.73 -5.69
CA ILE B 115 10.32 -11.89 -6.63
C ILE B 115 9.31 -12.89 -6.03
N SER B 116 8.58 -13.60 -6.90
CA SER B 116 7.71 -14.74 -6.56
C SER B 116 8.32 -16.03 -7.13
N VAL B 117 8.62 -17.01 -6.27
CA VAL B 117 9.21 -18.32 -6.65
C VAL B 117 8.13 -19.41 -6.56
N SER B 118 7.68 -19.93 -7.71
CA SER B 118 6.67 -21.00 -7.82
C SER B 118 7.35 -22.34 -8.10
N THR B 119 7.14 -23.35 -7.25
CA THR B 119 7.72 -24.71 -7.39
C THR B 119 6.59 -25.74 -7.59
N LYS B 120 6.46 -26.28 -8.80
CA LYS B 120 5.42 -27.29 -9.14
C LYS B 120 6.08 -28.67 -9.18
N VAL B 121 5.80 -29.52 -8.19
CA VAL B 121 6.07 -30.98 -8.24
C VAL B 121 5.05 -31.62 -9.19
N CYS B 122 5.53 -32.31 -10.24
CA CYS B 122 4.69 -32.90 -11.31
C CYS B 122 4.89 -34.42 -11.39
N SER B 123 3.81 -35.16 -11.63
CA SER B 123 3.79 -36.63 -11.88
C SER B 123 3.09 -36.90 -13.21
N PHE B 124 3.77 -37.52 -14.17
CA PHE B 124 3.28 -37.80 -15.55
C PHE B 124 2.84 -36.49 -16.19
N GLY B 125 3.65 -35.44 -15.99
CA GLY B 125 3.47 -34.11 -16.62
C GLY B 125 2.33 -33.32 -16.01
N LYS B 126 1.85 -33.74 -14.84
CA LYS B 126 0.68 -33.13 -14.15
C LYS B 126 1.11 -32.58 -12.78
N GLN B 127 0.73 -31.33 -12.49
CA GLN B 127 0.92 -30.66 -11.17
C GLN B 127 0.18 -31.46 -10.10
N VAL B 128 0.87 -31.84 -9.02
CA VAL B 128 0.26 -32.54 -7.85
C VAL B 128 0.26 -31.58 -6.65
N VAL B 129 1.35 -30.85 -6.42
CA VAL B 129 1.43 -29.76 -5.40
C VAL B 129 2.26 -28.62 -5.97
N GLU B 130 2.02 -27.42 -5.47
CA GLU B 130 2.74 -26.18 -5.81
C GLU B 130 3.04 -25.46 -4.50
N LYS B 131 4.22 -24.85 -4.38
CA LYS B 131 4.48 -23.80 -3.37
C LYS B 131 4.81 -22.50 -4.09
N VAL B 132 4.33 -21.38 -3.55
CA VAL B 132 4.65 -20.01 -4.01
C VAL B 132 5.25 -19.26 -2.82
N GLU B 133 6.52 -18.84 -2.92
CA GLU B 133 7.24 -18.07 -1.89
C GLU B 133 7.62 -16.72 -2.51
N THR B 134 7.12 -15.62 -1.96
CA THR B 134 7.58 -14.25 -2.32
C THR B 134 8.86 -13.98 -1.52
N GLU B 135 9.88 -13.40 -2.16
CA GLU B 135 11.21 -13.17 -1.54
C GLU B 135 11.63 -11.70 -1.69
N TYR B 136 12.14 -11.14 -0.60
CA TYR B 136 12.65 -9.75 -0.50
C TYR B 136 14.17 -9.80 -0.69
N ALA B 137 14.71 -8.77 -1.35
CA ALA B 137 16.15 -8.62 -1.64
C ALA B 137 16.86 -7.98 -0.43
N ARG B 138 18.05 -8.51 -0.11
CA ARG B 138 19.07 -7.82 0.72
C ARG B 138 20.16 -7.30 -0.23
N LEU B 139 20.38 -5.98 -0.24
CA LEU B 139 21.46 -5.29 -1.02
C LEU B 139 22.82 -5.72 -0.45
N GLU B 140 23.72 -6.22 -1.30
CA GLU B 140 24.99 -6.87 -0.89
C GLU B 140 26.02 -6.81 -2.03
N ASN B 141 27.08 -6.02 -1.84
CA ASN B 141 28.23 -5.87 -2.78
C ASN B 141 27.71 -5.44 -4.16
N GLY B 142 26.76 -4.49 -4.17
CA GLY B 142 26.22 -3.85 -5.40
C GLY B 142 25.08 -4.63 -6.03
N ARG B 143 24.76 -5.83 -5.51
CA ARG B 143 23.74 -6.75 -6.07
C ARG B 143 22.56 -6.86 -5.11
N PHE B 144 21.38 -7.24 -5.63
CA PHE B 144 20.16 -7.56 -4.85
C PHE B 144 20.01 -9.09 -4.78
N VAL B 145 20.16 -9.64 -3.57
CA VAL B 145 20.28 -11.11 -3.31
C VAL B 145 19.02 -11.60 -2.61
N TYR B 146 18.45 -12.72 -3.09
CA TYR B 146 17.25 -13.39 -2.53
C TYR B 146 17.67 -14.75 -1.95
N ARG B 147 17.21 -15.09 -0.74
CA ARG B 147 17.53 -16.35 -0.01
C ARG B 147 16.26 -17.03 0.48
N ILE B 148 15.98 -18.25 -0.02
CA ILE B 148 15.08 -19.26 0.60
C ILE B 148 15.98 -20.21 1.40
N HIS B 149 15.86 -20.24 2.73
CA HIS B 149 16.74 -21.04 3.63
C HIS B 149 15.92 -22.08 4.39
N ARG B 150 16.25 -23.36 4.20
CA ARG B 150 15.58 -24.51 4.87
C ARG B 150 14.06 -24.39 4.74
N SER B 151 13.57 -24.08 3.53
CA SER B 151 12.15 -24.23 3.14
C SER B 151 11.78 -25.69 3.32
N PRO B 152 10.75 -26.04 4.13
CA PRO B 152 10.42 -27.44 4.37
C PRO B 152 9.74 -28.11 3.16
N MET B 153 10.08 -29.36 2.90
CA MET B 153 9.44 -30.23 1.87
C MET B 153 7.99 -30.53 2.26
N CYS B 154 7.08 -30.57 1.28
CA CYS B 154 5.69 -31.05 1.47
C CYS B 154 5.71 -32.55 1.80
N GLU B 155 4.69 -33.04 2.50
CA GLU B 155 4.57 -34.47 2.90
C GLU B 155 4.57 -35.34 1.64
N TYR B 156 4.02 -34.85 0.52
CA TYR B 156 4.02 -35.56 -0.78
C TYR B 156 5.44 -36.01 -1.13
N MET B 157 6.39 -35.09 -1.02
CA MET B 157 7.82 -35.29 -1.41
C MET B 157 8.53 -36.17 -0.38
N ILE B 158 8.22 -35.99 0.91
CA ILE B 158 8.82 -36.81 2.01
C ILE B 158 8.32 -38.26 1.84
N ASN B 159 7.00 -38.43 1.68
CA ASN B 159 6.33 -39.73 1.39
C ASN B 159 6.99 -40.35 0.15
N PHE B 160 7.12 -39.60 -0.95
CA PHE B 160 7.74 -40.02 -2.24
C PHE B 160 9.15 -40.57 -2.00
N ILE B 161 9.99 -39.83 -1.26
CA ILE B 161 11.41 -40.18 -0.99
C ILE B 161 11.44 -41.45 -0.13
N HIS B 162 10.52 -41.59 0.84
CA HIS B 162 10.39 -42.81 1.68
C HIS B 162 10.06 -44.00 0.78
N LYS B 163 9.02 -43.90 -0.06
CA LYS B 163 8.60 -44.94 -1.03
C LYS B 163 9.81 -45.39 -1.85
N LEU B 164 10.54 -44.41 -2.40
CA LEU B 164 11.68 -44.61 -3.33
C LEU B 164 12.79 -45.42 -2.63
N LYS B 165 13.03 -45.14 -1.35
CA LYS B 165 14.12 -45.77 -0.54
C LYS B 165 13.76 -47.22 -0.21
N HIS B 166 12.47 -47.52 -0.03
CA HIS B 166 11.94 -48.86 0.35
C HIS B 166 11.89 -49.81 -0.86
N LEU B 167 12.38 -49.39 -2.03
CA LEU B 167 12.48 -50.25 -3.24
C LEU B 167 13.83 -50.97 -3.24
N PRO B 168 13.86 -52.28 -3.58
CA PRO B 168 15.10 -53.06 -3.50
C PRO B 168 16.18 -52.73 -4.53
N GLU B 169 15.80 -52.47 -5.79
CA GLU B 169 16.75 -52.28 -6.92
C GLU B 169 16.69 -50.83 -7.42
N LYS B 170 17.78 -50.35 -8.02
CA LYS B 170 17.95 -48.94 -8.48
C LYS B 170 17.13 -48.71 -9.77
N TYR B 171 16.94 -49.76 -10.58
CA TYR B 171 16.19 -49.71 -11.86
C TYR B 171 14.71 -49.39 -11.56
N MET B 172 14.22 -49.82 -10.40
CA MET B 172 12.85 -49.53 -9.91
C MET B 172 12.76 -48.03 -9.59
N MET B 173 13.72 -47.51 -8.83
CA MET B 173 13.82 -46.08 -8.43
C MET B 173 13.88 -45.21 -9.69
N ASN B 174 14.68 -45.60 -10.68
CA ASN B 174 14.85 -44.87 -11.96
C ASN B 174 13.51 -44.85 -12.72
N SER B 175 12.75 -45.95 -12.69
CA SER B 175 11.42 -46.08 -13.37
C SER B 175 10.45 -45.05 -12.80
N VAL B 176 10.39 -44.93 -11.47
CA VAL B 176 9.52 -43.95 -10.75
C VAL B 176 9.96 -42.53 -11.13
N LEU B 177 11.28 -42.30 -11.22
CA LEU B 177 11.88 -40.94 -11.40
C LEU B 177 11.77 -40.47 -12.86
N GLU B 178 11.43 -41.35 -13.81
CA GLU B 178 11.24 -40.99 -15.25
C GLU B 178 9.97 -40.14 -15.42
N ASN B 179 9.00 -40.31 -14.52
CA ASN B 179 7.66 -39.68 -14.58
C ASN B 179 7.52 -38.62 -13.49
N PHE B 180 8.63 -38.29 -12.83
CA PHE B 180 8.71 -37.24 -11.78
C PHE B 180 9.53 -36.07 -12.31
N THR B 181 8.97 -34.87 -12.27
CA THR B 181 9.65 -33.62 -12.65
C THR B 181 9.25 -32.52 -11.65
N ILE B 182 10.09 -31.49 -11.58
CA ILE B 182 9.81 -30.22 -10.83
C ILE B 182 10.03 -29.05 -11.79
N LEU B 183 9.12 -28.09 -11.80
CA LEU B 183 9.24 -26.84 -12.59
C LEU B 183 9.28 -25.67 -11.62
N GLN B 184 10.39 -24.95 -11.57
CA GLN B 184 10.56 -23.71 -10.77
C GLN B 184 10.42 -22.52 -11.71
N VAL B 185 9.48 -21.61 -11.43
CA VAL B 185 9.24 -20.37 -12.21
C VAL B 185 9.40 -19.18 -11.26
N VAL B 186 10.43 -18.36 -11.48
CA VAL B 186 10.63 -17.09 -10.72
C VAL B 186 10.06 -15.94 -11.56
N THR B 187 9.18 -15.14 -10.95
CA THR B 187 8.56 -13.94 -11.56
C THR B 187 8.86 -12.74 -10.66
N SER B 188 8.81 -11.53 -11.20
CA SER B 188 8.67 -10.29 -10.42
C SER B 188 7.25 -10.29 -9.85
N ARG B 189 7.11 -10.22 -8.53
CA ARG B 189 5.79 -10.25 -7.85
C ARG B 189 4.81 -9.36 -8.62
N ASP B 190 5.18 -8.11 -8.84
CA ASP B 190 4.24 -7.00 -9.20
C ASP B 190 3.89 -7.05 -10.70
N SER B 191 4.89 -7.14 -11.60
CA SER B 191 4.67 -7.12 -13.07
C SER B 191 4.39 -8.54 -13.61
N GLN B 192 4.75 -9.57 -12.84
CA GLN B 192 4.54 -11.02 -13.15
C GLN B 192 5.38 -11.44 -14.37
N GLU B 193 6.46 -10.71 -14.66
CA GLU B 193 7.38 -10.98 -15.79
C GLU B 193 8.29 -12.15 -15.41
N THR B 194 8.53 -13.08 -16.33
CA THR B 194 9.35 -14.29 -16.11
C THR B 194 10.82 -13.86 -15.96
N LEU B 195 11.42 -14.14 -14.80
CA LEU B 195 12.84 -13.80 -14.50
C LEU B 195 13.71 -15.02 -14.78
N LEU B 196 13.26 -16.20 -14.36
CA LEU B 196 14.01 -17.47 -14.47
C LEU B 196 13.02 -18.64 -14.48
N VAL B 197 13.27 -19.64 -15.33
CA VAL B 197 12.47 -20.89 -15.41
C VAL B 197 13.42 -22.07 -15.45
N ILE B 198 13.29 -23.00 -14.50
CA ILE B 198 14.18 -24.20 -14.41
C ILE B 198 13.28 -25.45 -14.35
N ALA B 199 13.35 -26.27 -15.39
CA ALA B 199 12.69 -27.59 -15.49
C ALA B 199 13.66 -28.65 -14.98
N PHE B 200 13.28 -29.44 -13.98
CA PHE B 200 14.14 -30.48 -13.36
C PHE B 200 13.64 -31.87 -13.74
N VAL B 201 14.53 -32.69 -14.33
CA VAL B 201 14.30 -34.14 -14.62
C VAL B 201 15.33 -34.95 -13.83
N PHE B 202 14.98 -36.19 -13.47
CA PHE B 202 15.67 -36.98 -12.42
C PHE B 202 15.99 -38.40 -12.90
N GLU B 203 17.21 -38.84 -12.59
CA GLU B 203 17.56 -40.28 -12.47
C GLU B 203 18.18 -40.48 -11.08
N VAL B 204 18.33 -41.73 -10.65
CA VAL B 204 19.16 -42.13 -9.49
C VAL B 204 20.62 -41.99 -9.90
N SER B 205 21.48 -41.55 -8.98
CA SER B 205 22.96 -41.59 -9.11
C SER B 205 23.46 -42.99 -8.74
N THR B 206 24.43 -43.52 -9.50
CA THR B 206 25.09 -44.83 -9.27
C THR B 206 26.56 -44.62 -8.86
N SER B 207 27.21 -43.56 -9.37
CA SER B 207 28.63 -43.22 -9.10
C SER B 207 28.80 -42.87 -7.62
N GLU B 208 29.96 -43.21 -7.03
CA GLU B 208 30.29 -42.96 -5.59
C GLU B 208 30.62 -41.48 -5.40
N HIS B 209 30.83 -40.72 -6.49
CA HIS B 209 30.87 -39.23 -6.50
C HIS B 209 29.56 -38.67 -5.92
N GLY B 210 28.45 -39.40 -6.11
CA GLY B 210 27.11 -39.06 -5.59
C GLY B 210 26.32 -38.21 -6.57
N ALA B 211 25.50 -37.29 -6.06
CA ALA B 211 24.62 -36.40 -6.83
C ALA B 211 25.40 -35.73 -7.96
N GLN B 212 25.02 -36.01 -9.21
CA GLN B 212 25.50 -35.29 -10.41
C GLN B 212 24.35 -34.42 -10.93
N HIS B 213 24.64 -33.47 -11.81
CA HIS B 213 23.65 -32.61 -12.51
C HIS B 213 24.24 -32.14 -13.85
N HIS B 214 23.39 -32.00 -14.86
CA HIS B 214 23.76 -31.44 -16.18
C HIS B 214 22.82 -30.26 -16.47
N VAL B 215 23.36 -29.14 -16.94
CA VAL B 215 22.60 -27.92 -17.27
C VAL B 215 22.57 -27.74 -18.78
N TYR B 216 21.42 -27.36 -19.32
CA TYR B 216 21.22 -27.07 -20.77
C TYR B 216 20.41 -25.78 -20.91
N LYS B 217 20.67 -25.01 -21.95
CA LYS B 217 19.76 -23.90 -22.35
C LYS B 217 18.58 -24.52 -23.11
N LEU B 218 17.36 -24.08 -22.81
CA LEU B 218 16.14 -24.44 -23.57
C LEU B 218 15.99 -23.46 -24.73
N VAL B 219 15.80 -23.98 -25.94
CA VAL B 219 15.69 -23.20 -27.21
C VAL B 219 14.49 -23.74 -28.00
N LYS B 220 14.04 -23.01 -29.01
CA LYS B 220 12.91 -23.43 -29.89
C LYS B 220 13.43 -23.50 -31.33
N ASP B 221 14.35 -24.45 -31.57
CA ASP B 221 14.91 -24.86 -32.89
C ASP B 221 16.28 -25.53 -32.66
N ARG C 4 10.05 7.55 -19.34
CA ARG C 4 10.18 8.95 -18.82
C ARG C 4 10.17 8.91 -17.28
N THR C 5 11.29 9.26 -16.65
CA THR C 5 11.53 9.09 -15.19
C THR C 5 11.94 10.42 -14.56
N ILE C 6 11.49 10.64 -13.31
CA ILE C 6 11.69 11.86 -12.48
C ILE C 6 12.44 11.45 -11.22
N ALA C 7 13.71 11.87 -11.07
CA ALA C 7 14.57 11.58 -9.90
C ALA C 7 15.65 12.65 -9.75
N SER C 8 15.79 13.19 -8.54
CA SER C 8 16.99 13.93 -8.05
C SER C 8 18.06 12.89 -7.70
N SER C 9 19.16 13.33 -7.08
CA SER C 9 20.22 12.45 -6.54
C SER C 9 19.73 11.72 -5.27
N ARG C 10 18.63 12.17 -4.66
CA ARG C 10 18.20 11.73 -3.29
C ARG C 10 16.80 11.12 -3.26
N LEU C 11 15.94 11.36 -4.26
CA LEU C 11 14.54 10.83 -4.25
C LEU C 11 14.04 10.66 -5.68
N ARG C 12 13.31 9.57 -5.92
CA ARG C 12 12.73 9.19 -7.24
C ARG C 12 11.22 9.06 -7.10
N LEU C 13 10.45 9.70 -7.99
CA LEU C 13 8.99 9.49 -8.13
C LEU C 13 8.77 8.19 -8.91
N LEU C 14 8.10 7.20 -8.31
CA LEU C 14 7.80 5.89 -8.94
C LEU C 14 6.45 5.95 -9.64
N GLU C 15 5.40 6.44 -8.94
CA GLU C 15 4.04 6.60 -9.51
C GLU C 15 3.38 7.86 -8.92
N TYR C 16 2.62 8.57 -9.75
CA TYR C 16 1.63 9.61 -9.38
C TYR C 16 0.37 9.37 -10.21
N SER C 17 -0.80 9.31 -9.58
CA SER C 17 -2.09 9.07 -10.28
C SER C 17 -3.23 9.76 -9.54
N ALA C 18 -3.90 10.70 -10.20
CA ALA C 18 -5.18 11.30 -9.77
C ALA C 18 -6.32 10.55 -10.49
N PHE C 19 -7.38 10.21 -9.75
CA PHE C 19 -8.48 9.35 -10.24
C PHE C 19 -9.78 9.66 -9.50
N MET C 20 -10.89 9.27 -10.11
CA MET C 20 -12.20 9.12 -9.43
C MET C 20 -12.62 7.66 -9.56
N GLU C 21 -13.28 7.12 -8.54
CA GLU C 21 -13.69 5.70 -8.44
C GLU C 21 -15.16 5.67 -8.05
N VAL C 22 -15.99 4.92 -8.79
CA VAL C 22 -17.46 4.79 -8.50
C VAL C 22 -17.77 3.34 -8.16
N GLN C 23 -18.60 3.13 -7.14
CA GLN C 23 -19.14 1.81 -6.71
C GLN C 23 -20.46 1.57 -7.44
N ARG C 24 -20.42 0.84 -8.56
CA ARG C 24 -21.61 0.48 -9.38
C ARG C 24 -22.54 -0.44 -8.57
N ASP C 25 -21.95 -1.26 -7.68
CA ASP C 25 -22.65 -2.08 -6.65
C ASP C 25 -21.60 -2.52 -5.63
N PRO C 26 -21.97 -3.20 -4.52
CA PRO C 26 -21.02 -3.49 -3.44
C PRO C 26 -19.76 -4.27 -3.85
N ASP C 27 -19.81 -5.02 -4.96
CA ASP C 27 -18.70 -5.90 -5.43
C ASP C 27 -18.08 -5.37 -6.73
N THR C 28 -18.59 -4.28 -7.30
CA THR C 28 -18.11 -3.75 -8.61
C THR C 28 -17.69 -2.28 -8.45
N TYR C 29 -16.54 -1.92 -9.05
CA TYR C 29 -15.86 -0.60 -8.92
C TYR C 29 -15.20 -0.26 -10.25
N SER C 30 -15.45 0.94 -10.78
CA SER C 30 -14.76 1.50 -11.97
C SER C 30 -13.98 2.76 -11.56
N LYS C 31 -12.74 2.85 -12.04
CA LYS C 31 -11.76 3.92 -11.70
C LYS C 31 -11.33 4.62 -12.99
N HIS C 32 -11.57 5.93 -13.09
CA HIS C 32 -11.10 6.79 -14.21
C HIS C 32 -9.84 7.55 -13.76
N LEU C 33 -8.74 7.40 -14.50
CA LEU C 33 -7.48 8.17 -14.30
C LEU C 33 -7.59 9.50 -15.05
N PHE C 34 -7.41 10.60 -14.33
CA PHE C 34 -7.31 11.97 -14.91
C PHE C 34 -5.90 12.14 -15.50
N VAL C 35 -4.90 11.72 -14.73
CA VAL C 35 -3.45 11.84 -15.04
C VAL C 35 -2.72 10.66 -14.39
N HIS C 36 -1.65 10.18 -15.03
CA HIS C 36 -0.85 9.02 -14.60
C HIS C 36 0.63 9.27 -14.93
N ILE C 37 1.52 8.95 -13.99
CA ILE C 37 2.99 8.80 -14.22
C ILE C 37 3.39 7.44 -13.65
N GLY C 38 3.84 6.52 -14.51
CA GLY C 38 4.23 5.15 -14.15
C GLY C 38 5.71 4.89 -14.41
N GLN C 39 6.54 5.93 -14.27
CA GLN C 39 8.00 5.96 -14.62
C GLN C 39 8.23 5.20 -15.92
N ASP C 46 16.49 4.70 -18.54
CA ASP C 46 15.68 5.94 -18.32
C ASP C 46 16.16 7.03 -19.28
N PRO C 47 15.37 7.35 -20.34
CA PRO C 47 15.72 8.40 -21.30
C PRO C 47 16.25 9.72 -20.76
N PRO C 48 16.87 10.54 -21.63
CA PRO C 48 17.22 11.92 -21.30
C PRO C 48 15.99 12.83 -21.47
N LEU C 49 15.89 13.88 -20.65
CA LEU C 49 14.76 14.84 -20.65
C LEU C 49 15.16 16.08 -21.45
N GLU C 50 14.30 16.54 -22.35
CA GLU C 50 14.42 17.89 -22.97
C GLU C 50 14.40 18.92 -21.83
N ALA C 51 15.18 19.99 -21.95
CA ALA C 51 15.32 21.05 -20.93
C ALA C 51 14.34 22.18 -21.23
N VAL C 52 13.74 22.76 -20.18
CA VAL C 52 12.95 24.02 -20.22
C VAL C 52 13.58 24.98 -19.22
N ASP C 53 13.79 26.24 -19.60
CA ASP C 53 14.34 27.28 -18.70
C ASP C 53 13.28 27.59 -17.64
N VAL C 54 13.67 27.55 -16.37
CA VAL C 54 12.77 27.77 -15.20
C VAL C 54 12.16 29.17 -15.29
N ARG C 55 12.82 30.11 -15.98
CA ARG C 55 12.36 31.52 -16.14
C ARG C 55 11.10 31.59 -17.02
N GLN C 56 10.91 30.64 -17.93
CA GLN C 56 9.77 30.63 -18.89
C GLN C 56 8.47 30.20 -18.19
N ILE C 57 8.54 29.69 -16.95
CA ILE C 57 7.34 29.22 -16.19
C ILE C 57 7.20 29.96 -14.83
N TYR C 58 8.11 30.88 -14.49
CA TYR C 58 8.05 31.70 -13.24
C TYR C 58 6.66 32.34 -13.09
N ASP C 59 6.05 32.79 -14.18
CA ASP C 59 4.75 33.54 -14.18
C ASP C 59 3.57 32.59 -13.91
N LYS C 60 3.77 31.28 -14.04
CA LYS C 60 2.70 30.25 -13.85
C LYS C 60 2.65 29.79 -12.39
N PHE C 61 3.53 30.28 -11.52
CA PHE C 61 3.63 29.85 -10.10
C PHE C 61 3.83 31.05 -9.18
N PRO C 62 3.44 30.96 -7.88
CA PRO C 62 3.59 32.06 -6.93
C PRO C 62 5.07 32.31 -6.58
N GLU C 63 5.47 33.59 -6.55
CA GLU C 63 6.90 34.02 -6.53
C GLU C 63 7.16 35.00 -5.37
N LYS C 64 6.49 34.80 -4.23
CA LYS C 64 6.93 35.34 -2.92
C LYS C 64 7.69 34.21 -2.21
N LYS C 65 7.90 34.32 -0.89
CA LYS C 65 8.67 33.33 -0.09
C LYS C 65 8.06 31.93 -0.30
N GLY C 66 8.91 30.90 -0.39
CA GLY C 66 8.52 29.49 -0.65
C GLY C 66 8.11 29.26 -2.09
N GLY C 67 8.57 30.13 -3.02
CA GLY C 67 8.18 30.15 -4.44
C GLY C 67 9.20 29.46 -5.32
N LEU C 68 8.84 29.21 -6.59
CA LEU C 68 9.65 28.41 -7.55
C LEU C 68 10.99 29.09 -7.81
N LYS C 69 11.00 30.40 -8.07
CA LYS C 69 12.23 31.20 -8.30
C LYS C 69 13.16 31.03 -7.09
N GLU C 70 12.62 31.19 -5.88
CA GLU C 70 13.40 31.13 -4.61
C GLU C 70 13.86 29.68 -4.37
N LEU C 71 12.96 28.71 -4.58
CA LEU C 71 13.25 27.26 -4.36
C LEU C 71 14.38 26.79 -5.29
N TYR C 72 14.35 27.19 -6.57
CA TYR C 72 15.42 26.83 -7.56
C TYR C 72 16.74 27.46 -7.12
N GLU C 73 16.71 28.70 -6.61
CA GLU C 73 17.90 29.46 -6.16
C GLU C 73 18.54 28.76 -4.96
N LYS C 74 17.74 28.23 -4.03
CA LYS C 74 18.23 27.41 -2.89
C LYS C 74 18.81 26.10 -3.43
N GLY C 75 18.27 25.59 -4.54
CA GLY C 75 18.74 24.36 -5.19
C GLY C 75 18.42 23.12 -4.35
N PRO C 76 18.99 21.93 -4.66
CA PRO C 76 19.86 21.74 -5.84
C PRO C 76 19.08 21.79 -7.16
N PRO C 77 19.71 22.22 -8.28
CA PRO C 77 19.00 22.31 -9.55
C PRO C 77 18.62 20.95 -10.14
N ASN C 78 19.24 19.85 -9.68
CA ASN C 78 18.99 18.47 -10.19
C ASN C 78 17.64 17.95 -9.69
N ALA C 79 17.00 18.67 -8.76
CA ALA C 79 15.76 18.25 -8.07
C ALA C 79 14.51 18.80 -8.77
N PHE C 80 14.64 19.61 -9.84
CA PHE C 80 13.55 20.44 -10.42
C PHE C 80 13.11 19.86 -11.76
N PHE C 81 11.82 19.52 -11.88
CA PHE C 81 11.20 18.93 -13.09
C PHE C 81 9.89 19.66 -13.38
N LEU C 82 9.53 19.71 -14.67
CA LEU C 82 8.22 20.18 -15.17
C LEU C 82 7.53 19.00 -15.84
N VAL C 83 6.29 18.72 -15.49
CA VAL C 83 5.42 17.74 -16.21
C VAL C 83 4.27 18.53 -16.84
N LYS C 84 4.06 18.36 -18.13
CA LYS C 84 2.86 18.88 -18.84
C LYS C 84 1.86 17.72 -18.93
N PHE C 85 0.68 17.89 -18.37
CA PHE C 85 -0.42 16.88 -18.41
C PHE C 85 -1.47 17.32 -19.41
N TRP C 86 -1.82 16.40 -20.32
CA TRP C 86 -3.10 16.38 -21.07
C TRP C 86 -4.05 15.49 -20.26
N ALA C 87 -4.94 16.12 -19.48
CA ALA C 87 -5.87 15.43 -18.55
C ALA C 87 -7.03 14.83 -19.35
N ASP C 88 -7.45 13.61 -18.99
CA ASP C 88 -8.62 12.91 -19.56
C ASP C 88 -9.86 13.31 -18.75
N LEU C 89 -10.82 14.01 -19.38
CA LEU C 89 -12.09 14.45 -18.75
C LEU C 89 -13.27 13.83 -19.50
N ASN C 90 -13.09 12.63 -20.06
CA ASN C 90 -14.18 11.82 -20.67
C ASN C 90 -15.02 11.23 -19.53
N SER C 91 -16.34 11.11 -19.75
CA SER C 91 -17.37 10.81 -18.73
C SER C 91 -17.52 12.02 -17.78
N PRO C 97 -22.71 10.04 -8.20
CA PRO C 97 -22.86 10.53 -6.82
C PRO C 97 -22.38 9.48 -5.80
N GLY C 98 -21.74 9.94 -4.71
CA GLY C 98 -21.08 9.08 -3.71
C GLY C 98 -19.77 8.52 -4.25
N ALA C 99 -19.09 9.27 -5.12
CA ALA C 99 -17.84 8.87 -5.82
C ALA C 99 -16.63 9.29 -4.98
N PHE C 100 -15.53 8.52 -5.05
CA PHE C 100 -14.25 8.84 -4.37
C PHE C 100 -13.29 9.49 -5.36
N TYR C 101 -12.92 10.75 -5.09
CA TYR C 101 -11.81 11.49 -5.75
C TYR C 101 -10.55 11.37 -4.90
N GLY C 102 -9.46 10.90 -5.48
CA GLY C 102 -8.23 10.55 -4.74
C GLY C 102 -6.98 10.77 -5.56
N VAL C 103 -5.83 10.77 -4.88
CA VAL C 103 -4.48 10.86 -5.48
C VAL C 103 -3.60 9.81 -4.80
N SER C 104 -2.82 9.08 -5.60
CA SER C 104 -1.89 8.02 -5.14
C SER C 104 -0.50 8.31 -5.71
N SER C 105 0.54 8.25 -4.88
CA SER C 105 1.95 8.43 -5.32
C SER C 105 2.89 7.54 -4.50
N GLN C 106 4.04 7.21 -5.10
CA GLN C 106 5.14 6.44 -4.47
C GLN C 106 6.45 7.15 -4.78
N TYR C 107 7.37 7.18 -3.82
CA TYR C 107 8.77 7.63 -4.00
C TYR C 107 9.71 6.58 -3.41
N SER C 108 10.95 6.53 -3.91
CA SER C 108 12.06 5.71 -3.35
C SER C 108 13.34 6.55 -3.25
N SER C 109 14.18 6.21 -2.27
CA SER C 109 15.53 6.75 -2.04
C SER C 109 16.46 5.62 -1.59
N ALA C 110 17.77 5.83 -1.73
CA ALA C 110 18.83 4.93 -1.21
C ALA C 110 18.89 5.07 0.31
N ASP C 111 18.56 6.26 0.84
CA ASP C 111 18.76 6.64 2.26
C ASP C 111 17.42 6.69 2.99
N SER C 112 17.37 6.17 4.23
CA SER C 112 16.20 6.27 5.14
C SER C 112 16.08 7.71 5.65
N MET C 113 14.93 8.34 5.41
CA MET C 113 14.63 9.70 5.92
C MET C 113 13.11 9.91 5.95
N THR C 114 12.62 10.75 6.87
CA THR C 114 11.22 11.23 6.90
C THR C 114 11.08 12.39 5.91
N ILE C 115 10.11 12.31 5.00
CA ILE C 115 9.91 13.33 3.92
C ILE C 115 8.60 14.08 4.22
N SER C 116 8.56 15.37 3.88
CA SER C 116 7.35 16.21 3.88
C SER C 116 6.96 16.50 2.42
N VAL C 117 5.78 16.06 2.00
CA VAL C 117 5.26 16.27 0.61
C VAL C 117 4.27 17.45 0.66
N SER C 118 4.61 18.56 0.00
CA SER C 118 3.74 19.76 -0.12
C SER C 118 3.16 19.81 -1.53
N THR C 119 1.83 19.80 -1.64
CA THR C 119 1.09 19.98 -2.92
C THR C 119 0.35 21.32 -2.86
N LYS C 120 0.86 22.32 -3.59
CA LYS C 120 0.24 23.68 -3.70
C LYS C 120 -0.59 23.74 -4.98
N VAL C 121 -1.91 23.87 -4.86
CA VAL C 121 -2.82 24.11 -6.01
C VAL C 121 -2.91 25.63 -6.21
N CYS C 122 -2.68 26.09 -7.43
CA CYS C 122 -2.68 27.53 -7.82
C CYS C 122 -3.75 27.77 -8.89
N SER C 123 -4.68 28.68 -8.63
CA SER C 123 -5.69 29.18 -9.59
C SER C 123 -5.35 30.63 -9.96
N PHE C 124 -5.08 30.87 -11.24
CA PHE C 124 -4.73 32.21 -11.80
C PHE C 124 -3.50 32.75 -11.07
N GLY C 125 -2.50 31.87 -10.84
CA GLY C 125 -1.19 32.20 -10.24
C GLY C 125 -1.22 32.28 -8.73
N LYS C 126 -2.40 32.10 -8.12
CA LYS C 126 -2.68 32.38 -6.68
C LYS C 126 -2.98 31.07 -5.94
N GLN C 127 -2.23 30.78 -4.86
CA GLN C 127 -2.33 29.53 -4.04
C GLN C 127 -3.69 29.51 -3.34
N VAL C 128 -4.54 28.53 -3.65
CA VAL C 128 -5.92 28.37 -3.09
C VAL C 128 -5.93 27.21 -2.07
N VAL C 129 -5.16 26.16 -2.34
CA VAL C 129 -5.06 24.96 -1.45
C VAL C 129 -3.57 24.57 -1.37
N GLU C 130 -3.09 24.28 -0.16
CA GLU C 130 -1.82 23.54 0.06
C GLU C 130 -2.16 22.32 0.91
N LYS C 131 -1.85 21.13 0.41
CA LYS C 131 -1.91 19.86 1.18
C LYS C 131 -0.49 19.49 1.60
N VAL C 132 -0.27 19.21 2.87
CA VAL C 132 1.06 18.76 3.40
C VAL C 132 0.86 17.38 4.04
N GLU C 133 1.70 16.41 3.65
CA GLU C 133 1.67 15.01 4.17
C GLU C 133 3.10 14.57 4.52
N THR C 134 3.32 14.17 5.78
CA THR C 134 4.56 13.53 6.25
C THR C 134 4.50 12.04 5.87
N GLU C 135 5.59 11.50 5.34
CA GLU C 135 5.70 10.05 4.99
C GLU C 135 7.00 9.48 5.57
N TYR C 136 6.88 8.35 6.26
CA TYR C 136 7.99 7.60 6.91
C TYR C 136 8.52 6.57 5.92
N ALA C 137 9.86 6.45 5.83
CA ALA C 137 10.56 5.48 4.96
C ALA C 137 10.20 4.06 5.40
N ARG C 138 10.01 3.17 4.42
CA ARG C 138 9.80 1.71 4.62
C ARG C 138 10.93 0.99 3.89
N LEU C 139 11.67 0.12 4.59
CA LEU C 139 12.74 -0.72 3.97
C LEU C 139 12.06 -1.73 3.06
N GLU C 140 12.52 -1.84 1.81
CA GLU C 140 11.88 -2.71 0.79
C GLU C 140 12.86 -2.98 -0.36
N ASN C 141 13.39 -4.20 -0.42
CA ASN C 141 14.33 -4.67 -1.47
C ASN C 141 15.57 -3.77 -1.46
N GLY C 142 16.13 -3.53 -0.27
CA GLY C 142 17.39 -2.81 -0.06
C GLY C 142 17.31 -1.32 -0.34
N ARG C 143 16.13 -0.81 -0.70
CA ARG C 143 15.84 0.63 -0.92
C ARG C 143 14.79 1.08 0.11
N PHE C 144 14.43 2.36 0.10
CA PHE C 144 13.40 2.95 1.00
C PHE C 144 12.28 3.53 0.12
N VAL C 145 11.03 3.18 0.43
CA VAL C 145 9.84 3.57 -0.38
C VAL C 145 8.90 4.38 0.53
N TYR C 146 8.26 5.39 -0.07
CA TYR C 146 7.29 6.29 0.56
C TYR C 146 5.98 6.18 -0.24
N ARG C 147 4.90 5.75 0.40
CA ARG C 147 3.58 5.49 -0.24
C ARG C 147 2.54 6.45 0.33
N ILE C 148 1.93 7.26 -0.54
CA ILE C 148 0.68 8.04 -0.28
C ILE C 148 -0.44 7.33 -1.05
N HIS C 149 -1.27 6.58 -0.34
CA HIS C 149 -2.33 5.70 -0.90
C HIS C 149 -3.70 6.37 -0.79
N ARG C 150 -4.39 6.53 -1.92
CA ARG C 150 -5.79 7.04 -1.98
C ARG C 150 -5.93 8.25 -1.04
N SER C 151 -5.13 9.29 -1.26
CA SER C 151 -5.25 10.59 -0.56
C SER C 151 -6.47 11.31 -1.11
N PRO C 152 -7.53 11.56 -0.30
CA PRO C 152 -8.75 12.18 -0.80
C PRO C 152 -8.55 13.62 -1.26
N MET C 153 -8.96 13.94 -2.49
CA MET C 153 -8.98 15.33 -3.02
C MET C 153 -9.85 16.20 -2.12
N CYS C 154 -9.58 17.51 -2.11
CA CYS C 154 -10.38 18.52 -1.36
C CYS C 154 -11.60 18.87 -2.22
N GLU C 155 -12.63 19.42 -1.59
CA GLU C 155 -13.86 19.88 -2.29
C GLU C 155 -13.50 20.90 -3.38
N TYR C 156 -12.47 21.74 -3.15
CA TYR C 156 -12.04 22.75 -4.16
C TYR C 156 -11.75 22.04 -5.48
N MET C 157 -10.99 20.95 -5.41
CA MET C 157 -10.47 20.19 -6.58
C MET C 157 -11.62 19.38 -7.21
N ILE C 158 -12.53 18.83 -6.40
CA ILE C 158 -13.69 18.05 -6.90
C ILE C 158 -14.65 19.02 -7.59
N ASN C 159 -14.95 20.14 -6.94
CA ASN C 159 -15.75 21.26 -7.52
C ASN C 159 -15.09 21.73 -8.83
N PHE C 160 -13.79 22.02 -8.80
CA PHE C 160 -13.02 22.54 -9.96
C PHE C 160 -13.18 21.58 -11.15
N ILE C 161 -13.03 20.27 -10.92
CA ILE C 161 -13.16 19.21 -11.98
C ILE C 161 -14.58 19.23 -12.55
N HIS C 162 -15.60 19.35 -11.68
CA HIS C 162 -17.05 19.46 -12.06
C HIS C 162 -17.27 20.68 -12.96
N LYS C 163 -16.84 21.87 -12.51
CA LYS C 163 -16.98 23.15 -13.25
C LYS C 163 -16.32 23.03 -14.63
N LEU C 164 -15.25 22.24 -14.73
CA LEU C 164 -14.44 22.08 -15.98
C LEU C 164 -15.20 21.20 -16.98
N LYS C 165 -15.78 20.09 -16.52
CA LYS C 165 -16.57 19.14 -17.34
C LYS C 165 -17.82 19.82 -17.88
N HIS C 166 -18.47 20.68 -17.08
CA HIS C 166 -19.76 21.37 -17.39
C HIS C 166 -19.51 22.66 -18.18
N LEU C 167 -18.42 22.75 -18.93
CA LEU C 167 -18.18 23.80 -19.97
C LEU C 167 -18.52 23.20 -21.33
N PRO C 168 -19.08 24.00 -22.28
CA PRO C 168 -19.55 23.46 -23.55
C PRO C 168 -18.46 23.02 -24.52
N GLU C 169 -17.41 23.84 -24.70
CA GLU C 169 -16.36 23.65 -25.75
C GLU C 169 -15.02 23.30 -25.09
N LYS C 170 -14.18 22.53 -25.78
CA LYS C 170 -12.89 22.00 -25.24
C LYS C 170 -11.88 23.15 -25.12
N TYR C 171 -12.03 24.19 -25.95
CA TYR C 171 -11.15 25.39 -25.96
C TYR C 171 -11.37 26.19 -24.66
N MET C 172 -12.61 26.18 -24.13
CA MET C 172 -12.96 26.85 -22.84
C MET C 172 -12.22 26.16 -21.70
N MET C 173 -12.15 24.82 -21.71
CA MET C 173 -11.49 23.99 -20.66
C MET C 173 -10.00 24.38 -20.61
N ASN C 174 -9.33 24.41 -21.76
CA ASN C 174 -7.89 24.80 -21.87
C ASN C 174 -7.72 26.20 -21.28
N SER C 175 -8.55 27.17 -21.70
CA SER C 175 -8.48 28.58 -21.25
C SER C 175 -8.42 28.65 -19.71
N VAL C 176 -9.23 27.83 -19.03
CA VAL C 176 -9.24 27.75 -17.53
C VAL C 176 -7.94 27.08 -17.07
N LEU C 177 -7.57 25.95 -17.69
CA LEU C 177 -6.42 25.10 -17.29
C LEU C 177 -5.09 25.83 -17.49
N GLU C 178 -4.98 26.71 -18.50
CA GLU C 178 -3.75 27.52 -18.74
C GLU C 178 -3.37 28.23 -17.44
N ASN C 179 -4.36 28.63 -16.64
CA ASN C 179 -4.19 29.41 -15.38
C ASN C 179 -4.45 28.50 -14.18
N PHE C 180 -4.21 27.19 -14.32
CA PHE C 180 -4.27 26.19 -13.22
C PHE C 180 -2.97 25.39 -13.20
N THR C 181 -2.30 25.38 -12.05
CA THR C 181 -0.99 24.71 -11.87
C THR C 181 -0.95 24.03 -10.51
N ILE C 182 -0.12 23.00 -10.39
CA ILE C 182 0.18 22.31 -9.11
C ILE C 182 1.69 22.30 -8.97
N LEU C 183 2.20 22.75 -7.82
CA LEU C 183 3.63 22.65 -7.47
C LEU C 183 3.77 21.65 -6.33
N GLN C 184 4.44 20.52 -6.56
CA GLN C 184 4.78 19.52 -5.53
C GLN C 184 6.24 19.72 -5.12
N VAL C 185 6.49 19.94 -3.84
CA VAL C 185 7.85 20.06 -3.25
C VAL C 185 8.00 18.98 -2.18
N VAL C 186 8.89 18.01 -2.38
CA VAL C 186 9.25 17.02 -1.33
C VAL C 186 10.52 17.52 -0.62
N THR C 187 10.46 17.72 0.70
CA THR C 187 11.62 18.08 1.55
C THR C 187 11.85 16.99 2.60
N SER C 188 13.10 16.86 3.08
CA SER C 188 13.47 16.12 4.30
C SER C 188 12.89 16.87 5.50
N ARG C 189 11.92 16.26 6.21
CA ARG C 189 11.18 16.89 7.34
C ARG C 189 12.17 17.67 8.22
N ASP C 190 13.20 16.97 8.72
CA ASP C 190 14.17 17.47 9.74
C ASP C 190 14.98 18.63 9.16
N SER C 191 15.80 18.36 8.13
CA SER C 191 16.81 19.32 7.56
C SER C 191 16.15 20.34 6.61
N GLN C 192 14.91 20.08 6.18
CA GLN C 192 14.12 20.96 5.25
C GLN C 192 14.83 21.13 3.91
N GLU C 193 15.78 20.24 3.58
CA GLU C 193 16.50 20.23 2.29
C GLU C 193 15.53 19.79 1.18
N THR C 194 15.60 20.42 0.00
CA THR C 194 14.75 20.11 -1.16
C THR C 194 15.24 18.80 -1.78
N LEU C 195 14.38 17.78 -1.83
CA LEU C 195 14.69 16.43 -2.36
C LEU C 195 14.19 16.31 -3.80
N LEU C 196 13.03 16.90 -4.11
CA LEU C 196 12.36 16.76 -5.42
C LEU C 196 11.28 17.84 -5.56
N VAL C 197 11.21 18.48 -6.73
CA VAL C 197 10.22 19.55 -7.05
C VAL C 197 9.62 19.27 -8.42
N ILE C 198 8.31 19.02 -8.49
CA ILE C 198 7.60 18.79 -9.78
C ILE C 198 6.56 19.90 -9.94
N ALA C 199 6.72 20.72 -10.98
CA ALA C 199 5.71 21.71 -11.44
C ALA C 199 4.80 21.02 -12.46
N PHE C 200 3.49 21.02 -12.24
CA PHE C 200 2.49 20.43 -13.17
C PHE C 200 1.76 21.56 -13.90
N VAL C 201 1.70 21.47 -15.23
CA VAL C 201 0.87 22.36 -16.09
C VAL C 201 -0.08 21.48 -16.93
N PHE C 202 -1.23 22.01 -17.31
CA PHE C 202 -2.42 21.23 -17.70
C PHE C 202 -3.00 21.72 -19.02
N GLU C 203 -3.38 20.78 -19.89
CA GLU C 203 -4.30 20.96 -21.03
C GLU C 203 -5.29 19.79 -21.04
N VAL C 204 -6.39 19.92 -21.77
CA VAL C 204 -7.38 18.84 -22.01
C VAL C 204 -6.77 17.87 -23.02
N SER C 205 -6.97 16.56 -22.83
CA SER C 205 -6.56 15.51 -23.80
C SER C 205 -7.53 15.50 -24.98
N THR C 206 -7.00 15.35 -26.20
CA THR C 206 -7.75 15.37 -27.49
C THR C 206 -7.77 13.96 -28.10
N SER C 207 -6.68 13.20 -27.98
CA SER C 207 -6.50 11.85 -28.60
C SER C 207 -7.36 10.81 -27.87
N GLU C 208 -7.81 9.77 -28.60
CA GLU C 208 -8.60 8.63 -28.06
C GLU C 208 -7.72 7.74 -27.18
N HIS C 209 -6.40 7.81 -27.34
CA HIS C 209 -5.37 7.20 -26.43
C HIS C 209 -5.70 7.56 -24.98
N GLY C 210 -6.13 8.80 -24.74
CA GLY C 210 -6.55 9.31 -23.42
C GLY C 210 -5.51 10.26 -22.84
N ALA C 211 -5.20 10.11 -21.55
CA ALA C 211 -4.25 10.96 -20.78
C ALA C 211 -2.83 10.79 -21.35
N GLN C 212 -2.19 11.91 -21.70
CA GLN C 212 -0.77 11.98 -22.12
C GLN C 212 0.00 12.83 -21.10
N HIS C 213 1.34 12.74 -21.10
CA HIS C 213 2.23 13.62 -20.32
C HIS C 213 3.63 13.65 -20.95
N HIS C 214 4.22 14.85 -21.02
CA HIS C 214 5.65 15.07 -21.35
C HIS C 214 6.38 15.56 -20.09
N VAL C 215 7.59 15.05 -19.86
CA VAL C 215 8.44 15.39 -18.69
C VAL C 215 9.64 16.21 -19.20
N TYR C 216 10.00 17.28 -18.50
CA TYR C 216 11.15 18.15 -18.83
C TYR C 216 11.98 18.42 -17.58
N LYS C 217 13.30 18.55 -17.77
CA LYS C 217 14.21 19.02 -16.72
C LYS C 217 14.18 20.55 -16.70
N LEU C 218 14.07 21.14 -15.52
CA LEU C 218 14.12 22.61 -15.34
C LEU C 218 15.58 23.02 -15.20
N VAL C 219 16.02 24.00 -15.99
CA VAL C 219 17.43 24.50 -16.03
C VAL C 219 17.39 26.03 -15.97
N LYS C 220 18.54 26.67 -15.68
CA LYS C 220 18.68 28.15 -15.62
C LYS C 220 19.42 28.62 -16.89
N ARG D 4 -13.67 26.03 28.98
CA ARG D 4 -14.59 24.89 28.64
C ARG D 4 -13.89 23.99 27.59
N THR D 5 -14.38 22.76 27.42
CA THR D 5 -13.68 21.63 26.74
C THR D 5 -14.31 21.32 25.38
N ILE D 6 -13.51 21.33 24.30
CA ILE D 6 -13.95 21.01 22.91
C ILE D 6 -13.57 19.55 22.60
N ALA D 7 -14.57 18.70 22.33
CA ALA D 7 -14.40 17.25 22.12
C ALA D 7 -15.69 16.63 21.59
N SER D 8 -15.58 15.74 20.61
CA SER D 8 -16.67 14.86 20.11
C SER D 8 -16.52 13.48 20.76
N SER D 9 -17.28 12.50 20.27
CA SER D 9 -17.18 11.07 20.68
C SER D 9 -15.77 10.54 20.39
N ARG D 10 -15.14 11.06 19.33
CA ARG D 10 -14.00 10.41 18.63
C ARG D 10 -12.72 11.25 18.67
N LEU D 11 -12.78 12.53 19.04
CA LEU D 11 -11.60 13.45 19.01
C LEU D 11 -11.80 14.62 19.97
N ARG D 12 -10.77 14.96 20.75
CA ARG D 12 -10.71 16.13 21.67
C ARG D 12 -9.61 17.08 21.21
N LEU D 13 -9.91 18.38 21.10
CA LEU D 13 -8.91 19.46 20.89
C LEU D 13 -8.29 19.80 22.25
N LEU D 14 -6.97 19.72 22.38
CA LEU D 14 -6.25 19.95 23.68
C LEU D 14 -5.74 21.39 23.75
N GLU D 15 -4.94 21.81 22.76
CA GLU D 15 -4.44 23.21 22.62
C GLU D 15 -4.70 23.69 21.19
N TYR D 16 -4.99 24.98 21.03
CA TYR D 16 -4.87 25.75 19.76
C TYR D 16 -4.27 27.10 20.10
N SER D 17 -3.32 27.58 19.29
CA SER D 17 -2.64 28.87 19.48
C SER D 17 -2.20 29.42 18.12
N ALA D 18 -2.34 30.72 17.91
CA ALA D 18 -1.78 31.47 16.76
C ALA D 18 -0.86 32.54 17.32
N PHE D 19 0.35 32.63 16.80
CA PHE D 19 1.43 33.45 17.42
C PHE D 19 2.36 33.99 16.35
N MET D 20 3.05 35.06 16.70
CA MET D 20 4.25 35.58 16.00
C MET D 20 5.40 35.57 17.01
N GLU D 21 6.56 35.05 16.61
CA GLU D 21 7.79 35.08 17.44
C GLU D 21 8.93 35.67 16.61
N VAL D 22 9.82 36.42 17.28
CA VAL D 22 11.04 37.05 16.68
C VAL D 22 12.26 36.49 17.44
N GLN D 23 13.18 35.87 16.71
CA GLN D 23 14.54 35.51 17.21
C GLN D 23 15.50 36.59 16.71
N ARG D 24 15.47 37.77 17.33
CA ARG D 24 16.23 38.99 16.89
C ARG D 24 17.72 38.66 16.78
N ASP D 25 18.24 37.79 17.65
CA ASP D 25 19.64 37.28 17.62
C ASP D 25 19.68 35.97 18.40
N PRO D 26 20.84 35.27 18.48
CA PRO D 26 20.88 33.95 19.13
C PRO D 26 20.59 33.94 20.65
N ASP D 27 20.57 35.11 21.29
CA ASP D 27 20.38 35.25 22.76
C ASP D 27 19.01 35.84 23.11
N THR D 28 18.27 36.34 22.10
CA THR D 28 17.07 37.18 22.27
C THR D 28 15.87 36.57 21.52
N TYR D 29 14.83 36.18 22.25
CA TYR D 29 13.61 35.52 21.71
C TYR D 29 12.37 36.14 22.34
N SER D 30 11.40 36.53 21.51
CA SER D 30 10.06 37.03 21.92
C SER D 30 8.97 36.18 21.25
N LYS D 31 7.80 36.07 21.90
CA LYS D 31 6.61 35.36 21.37
C LYS D 31 5.35 36.14 21.78
N HIS D 32 4.54 36.54 20.81
CA HIS D 32 3.19 37.15 21.02
C HIS D 32 2.11 36.16 20.58
N LEU D 33 1.14 35.87 21.46
CA LEU D 33 -0.08 35.07 21.14
C LEU D 33 -1.18 36.03 20.67
N PHE D 34 -1.77 35.76 19.49
CA PHE D 34 -2.97 36.45 18.96
C PHE D 34 -4.21 35.86 19.61
N VAL D 35 -4.27 34.52 19.61
CA VAL D 35 -5.38 33.71 20.20
C VAL D 35 -4.74 32.46 20.84
N HIS D 36 -5.35 31.97 21.93
N HIS D 36 -5.32 31.96 21.93
CA HIS D 36 -4.87 30.80 22.71
CA HIS D 36 -4.82 30.77 22.68
C HIS D 36 -6.05 30.01 23.26
C HIS D 36 -5.97 30.01 23.35
N ILE D 37 -5.96 28.68 23.23
CA ILE D 37 -6.85 27.73 23.95
C ILE D 37 -5.94 26.72 24.65
N GLY D 38 -6.18 26.43 25.94
CA GLY D 38 -5.43 25.47 26.76
C GLY D 38 -6.34 24.42 27.38
N PRO D 47 -17.46 24.92 33.43
CA PRO D 47 -18.79 25.42 33.07
C PRO D 47 -19.45 24.59 31.97
N PRO D 48 -20.79 24.37 32.01
CA PRO D 48 -21.51 23.76 30.90
C PRO D 48 -21.60 24.74 29.72
N LEU D 49 -21.47 24.22 28.50
CA LEU D 49 -21.37 25.04 27.26
C LEU D 49 -22.74 25.64 26.93
N GLU D 50 -22.80 26.96 26.74
CA GLU D 50 -23.96 27.63 26.10
C GLU D 50 -24.05 27.12 24.66
N ALA D 51 -25.26 27.12 24.09
CA ALA D 51 -25.53 26.63 22.72
C ALA D 51 -25.80 27.82 21.80
N VAL D 52 -25.35 27.73 20.55
CA VAL D 52 -25.66 28.69 19.46
C VAL D 52 -26.25 27.89 18.31
N ASP D 53 -27.42 28.31 17.82
CA ASP D 53 -28.09 27.69 16.64
C ASP D 53 -27.15 27.87 15.43
N VAL D 54 -26.82 26.77 14.75
CA VAL D 54 -25.82 26.74 13.64
C VAL D 54 -26.30 27.63 12.49
N ARG D 55 -27.62 27.72 12.28
CA ARG D 55 -28.26 28.50 11.19
C ARG D 55 -27.84 29.98 11.27
N GLN D 56 -27.53 30.47 12.47
CA GLN D 56 -27.19 31.91 12.71
C GLN D 56 -25.81 32.25 12.14
N ILE D 57 -24.98 31.26 11.81
CA ILE D 57 -23.58 31.48 11.34
C ILE D 57 -23.35 30.91 9.93
N TYR D 58 -24.38 30.31 9.29
CA TYR D 58 -24.33 29.82 7.89
C TYR D 58 -23.76 30.90 6.95
N ASP D 59 -24.16 32.16 7.13
CA ASP D 59 -23.81 33.27 6.20
C ASP D 59 -22.35 33.71 6.43
N LYS D 60 -21.71 33.27 7.53
CA LYS D 60 -20.32 33.66 7.91
C LYS D 60 -19.30 32.63 7.39
N PHE D 61 -19.75 31.50 6.84
CA PHE D 61 -18.89 30.41 6.30
C PHE D 61 -19.36 29.99 4.91
N PRO D 62 -18.48 29.37 4.08
CA PRO D 62 -18.88 28.89 2.75
C PRO D 62 -19.95 27.79 2.85
N GLU D 63 -20.94 27.80 1.95
CA GLU D 63 -22.24 27.09 2.13
C GLU D 63 -22.63 26.21 0.94
N LYS D 64 -21.79 26.07 -0.08
CA LYS D 64 -22.05 25.17 -1.24
C LYS D 64 -21.88 23.72 -0.77
N LYS D 65 -21.38 22.82 -1.63
CA LYS D 65 -20.99 21.43 -1.25
C LYS D 65 -19.75 21.51 -0.33
N GLY D 66 -19.65 20.60 0.64
CA GLY D 66 -18.57 20.61 1.67
C GLY D 66 -18.54 21.90 2.46
N GLY D 67 -19.65 22.66 2.45
CA GLY D 67 -19.87 23.87 3.27
C GLY D 67 -20.37 23.49 4.64
N LEU D 68 -20.56 24.47 5.53
CA LEU D 68 -20.91 24.22 6.96
C LEU D 68 -22.29 23.57 7.07
N LYS D 69 -23.29 24.09 6.35
CA LYS D 69 -24.69 23.59 6.37
C LYS D 69 -24.69 22.08 6.05
N GLU D 70 -24.11 21.72 4.91
CA GLU D 70 -24.06 20.31 4.40
C GLU D 70 -23.24 19.45 5.36
N LEU D 71 -22.19 20.02 5.98
CA LEU D 71 -21.29 19.32 6.94
C LEU D 71 -22.07 18.93 8.20
N TYR D 72 -22.82 19.87 8.76
CA TYR D 72 -23.68 19.66 9.97
C TYR D 72 -24.73 18.58 9.63
N GLU D 73 -25.44 18.75 8.51
CA GLU D 73 -26.48 17.82 8.00
C GLU D 73 -25.89 16.40 7.94
N LYS D 74 -24.66 16.26 7.44
CA LYS D 74 -23.91 14.97 7.36
C LYS D 74 -23.62 14.48 8.79
N GLY D 75 -23.26 15.40 9.69
CA GLY D 75 -23.05 15.12 11.13
C GLY D 75 -21.71 14.43 11.38
N PRO D 76 -21.49 13.80 12.57
CA PRO D 76 -22.46 13.83 13.67
C PRO D 76 -22.54 15.20 14.34
N PRO D 77 -23.68 15.59 14.95
CA PRO D 77 -23.85 16.94 15.47
C PRO D 77 -22.97 17.22 16.70
N ASN D 78 -22.59 16.18 17.44
CA ASN D 78 -21.76 16.28 18.68
C ASN D 78 -20.35 16.80 18.35
N ALA D 79 -20.01 16.90 17.08
CA ALA D 79 -18.65 17.24 16.58
C ALA D 79 -18.50 18.75 16.33
N PHE D 80 -19.57 19.53 16.44
CA PHE D 80 -19.66 20.92 15.94
C PHE D 80 -19.58 21.91 17.11
N PHE D 81 -18.62 22.84 17.03
CA PHE D 81 -18.30 23.86 18.06
C PHE D 81 -18.04 25.20 17.38
N LEU D 82 -18.45 26.29 18.03
CA LEU D 82 -18.08 27.67 17.65
C LEU D 82 -17.19 28.25 18.75
N VAL D 83 -16.11 28.93 18.36
CA VAL D 83 -15.22 29.66 19.30
C VAL D 83 -15.18 31.12 18.84
N LYS D 84 -15.58 32.05 19.71
CA LYS D 84 -15.36 33.51 19.52
C LYS D 84 -14.01 33.86 20.16
N PHE D 85 -13.15 34.56 19.41
CA PHE D 85 -11.80 34.98 19.87
C PHE D 85 -11.73 36.51 19.91
N TRP D 86 -11.33 37.07 21.04
CA TRP D 86 -10.92 38.48 21.17
C TRP D 86 -9.41 38.55 20.92
N ALA D 87 -9.02 38.77 19.66
CA ALA D 87 -7.61 38.66 19.20
C ALA D 87 -6.77 39.79 19.82
N ASP D 88 -5.54 39.47 20.23
CA ASP D 88 -4.59 40.43 20.83
C ASP D 88 -3.70 40.97 19.72
N LEU D 89 -3.78 42.28 19.44
CA LEU D 89 -3.05 42.96 18.34
C LEU D 89 -2.03 43.95 18.90
N ASN D 90 -1.70 43.84 20.19
CA ASN D 90 -0.68 44.69 20.86
C ASN D 90 0.70 44.39 20.27
N SER D 91 1.30 45.36 19.58
CA SER D 91 2.72 45.36 19.18
C SER D 91 3.56 45.81 20.39
N THR D 92 3.81 44.89 21.32
CA THR D 92 4.82 45.02 22.39
C THR D 92 6.19 44.71 21.78
N ILE D 93 6.28 43.63 21.02
CA ILE D 93 7.54 43.13 20.37
C ILE D 93 7.59 43.67 18.93
N GLN D 94 8.74 44.28 18.56
CA GLN D 94 8.98 44.88 17.22
C GLN D 94 9.12 43.76 16.19
N GLU D 95 8.29 43.77 15.15
CA GLU D 95 8.27 42.76 14.06
C GLU D 95 9.51 42.96 13.16
N GLY D 96 10.69 42.64 13.68
CA GLY D 96 12.00 42.91 13.04
C GLY D 96 12.24 41.99 11.84
N PRO D 97 13.50 41.88 11.36
CA PRO D 97 13.87 40.84 10.41
C PRO D 97 13.81 39.45 11.07
N GLY D 98 13.36 38.43 10.33
CA GLY D 98 13.26 37.04 10.82
C GLY D 98 12.18 36.88 11.87
N ALA D 99 10.99 37.41 11.60
CA ALA D 99 9.73 37.12 12.33
C ALA D 99 9.18 35.80 11.81
N PHE D 100 8.55 35.01 12.67
CA PHE D 100 7.85 33.76 12.28
C PHE D 100 6.39 33.85 12.73
N TYR D 101 5.47 33.84 11.78
CA TYR D 101 4.01 33.74 12.01
C TYR D 101 3.63 32.26 11.94
N GLY D 102 2.98 31.77 12.99
CA GLY D 102 2.81 30.33 13.23
C GLY D 102 1.55 30.00 14.01
N VAL D 103 1.17 28.72 13.91
CA VAL D 103 -0.03 28.07 14.50
C VAL D 103 0.41 26.72 15.06
N SER D 104 -0.06 26.38 16.27
CA SER D 104 0.22 25.09 16.96
C SER D 104 -1.10 24.52 17.51
N SER D 105 -1.36 23.23 17.32
CA SER D 105 -2.55 22.55 17.88
C SER D 105 -2.24 21.09 18.20
N GLN D 106 -2.95 20.55 19.21
CA GLN D 106 -2.89 19.13 19.64
C GLN D 106 -4.31 18.58 19.73
N TYR D 107 -4.49 17.31 19.35
CA TYR D 107 -5.76 16.55 19.46
C TYR D 107 -5.44 15.18 20.07
N SER D 108 -6.45 14.51 20.61
CA SER D 108 -6.36 13.13 21.14
C SER D 108 -7.66 12.36 20.86
N SER D 109 -7.54 11.06 20.59
CA SER D 109 -8.67 10.10 20.55
C SER D 109 -8.28 8.81 21.26
N ALA D 110 -9.25 7.92 21.45
CA ALA D 110 -9.10 6.55 21.99
C ALA D 110 -8.80 5.57 20.85
N ASP D 111 -8.97 6.01 19.59
CA ASP D 111 -8.78 5.20 18.36
C ASP D 111 -7.43 5.52 17.72
N SER D 112 -6.77 4.50 17.15
CA SER D 112 -5.54 4.62 16.32
C SER D 112 -5.94 4.82 14.85
N MET D 113 -5.99 6.07 14.39
CA MET D 113 -6.33 6.42 12.98
C MET D 113 -5.54 7.65 12.54
N THR D 114 -5.40 7.82 11.22
CA THR D 114 -4.80 8.99 10.55
C THR D 114 -5.88 10.05 10.36
N ILE D 115 -5.68 11.26 10.90
CA ILE D 115 -6.64 12.40 10.76
C ILE D 115 -6.13 13.34 9.67
N SER D 116 -7.08 13.97 8.95
CA SER D 116 -6.87 15.10 8.02
C SER D 116 -7.41 16.37 8.69
N VAL D 117 -6.63 17.44 8.75
CA VAL D 117 -7.02 18.72 9.38
C VAL D 117 -7.11 19.78 8.29
N SER D 118 -8.33 20.16 7.89
CA SER D 118 -8.59 21.27 6.93
C SER D 118 -8.73 22.57 7.72
N THR D 119 -8.01 23.61 7.32
CA THR D 119 -8.14 25.00 7.85
C THR D 119 -8.54 25.90 6.68
N LYS D 120 -9.78 26.38 6.66
CA LYS D 120 -10.27 27.29 5.60
C LYS D 120 -10.33 28.71 6.16
N VAL D 121 -9.52 29.62 5.60
CA VAL D 121 -9.58 31.08 5.93
C VAL D 121 -10.62 31.70 5.00
N CYS D 122 -11.55 32.48 5.56
CA CYS D 122 -12.75 33.01 4.86
C CYS D 122 -12.85 34.53 5.04
N SER D 123 -13.25 35.23 3.98
CA SER D 123 -13.57 36.69 3.98
C SER D 123 -14.99 36.89 3.44
N PHE D 124 -15.82 37.67 4.14
CA PHE D 124 -17.26 37.91 3.82
C PHE D 124 -17.93 36.57 3.47
N GLY D 125 -17.64 35.53 4.26
CA GLY D 125 -18.27 34.19 4.16
C GLY D 125 -17.67 33.34 3.05
N LYS D 126 -16.66 33.84 2.33
CA LYS D 126 -16.06 33.18 1.13
C LYS D 126 -14.65 32.67 1.45
N GLN D 127 -14.33 31.45 1.01
CA GLN D 127 -13.01 30.79 1.19
C GLN D 127 -11.93 31.52 0.38
N VAL D 128 -10.88 32.02 1.06
CA VAL D 128 -9.71 32.72 0.43
C VAL D 128 -8.58 31.70 0.23
N VAL D 129 -8.27 30.89 1.24
CA VAL D 129 -7.17 29.89 1.24
C VAL D 129 -7.55 28.72 2.16
N GLU D 130 -7.17 27.51 1.76
CA GLU D 130 -7.33 26.27 2.56
C GLU D 130 -5.96 25.60 2.71
N LYS D 131 -5.62 25.15 3.92
CA LYS D 131 -4.50 24.21 4.16
C LYS D 131 -5.09 22.87 4.62
N VAL D 132 -4.50 21.77 4.17
CA VAL D 132 -4.86 20.40 4.62
C VAL D 132 -3.57 19.75 5.17
N GLU D 133 -3.58 19.31 6.42
CA GLU D 133 -2.42 18.64 7.07
C GLU D 133 -2.89 17.28 7.60
N THR D 134 -2.32 16.19 7.09
CA THR D 134 -2.53 14.82 7.66
C THR D 134 -1.61 14.67 8.88
N GLU D 135 -2.14 14.14 9.97
CA GLU D 135 -1.39 13.92 11.24
C GLU D 135 -1.53 12.45 11.67
N TYR D 136 -0.39 11.78 11.77
CA TYR D 136 -0.24 10.46 12.43
C TYR D 136 -0.27 10.68 13.94
N ALA D 137 -0.96 9.78 14.66
CA ALA D 137 -1.04 9.79 16.13
C ALA D 137 0.23 9.14 16.71
N ARG D 138 0.55 9.50 17.95
CA ARG D 138 1.54 8.79 18.80
C ARG D 138 0.78 8.27 20.03
N LEU D 139 1.05 7.03 20.43
CA LEU D 139 0.40 6.38 21.61
C LEU D 139 1.08 6.88 22.89
N GLU D 140 0.31 7.54 23.76
CA GLU D 140 0.80 8.27 24.97
C GLU D 140 -0.25 8.17 26.08
N ASN D 141 0.09 7.44 27.16
CA ASN D 141 -0.76 7.23 28.37
C ASN D 141 -2.15 6.76 27.92
N GLY D 142 -2.20 5.78 26.99
CA GLY D 142 -3.42 5.08 26.56
C GLY D 142 -4.26 5.89 25.57
N ARG D 143 -3.76 7.05 25.14
CA ARG D 143 -4.48 7.98 24.22
C ARG D 143 -3.64 8.18 22.94
N PHE D 144 -4.31 8.32 21.80
CA PHE D 144 -3.70 8.62 20.49
C PHE D 144 -3.67 10.15 20.33
N VAL D 145 -2.46 10.72 20.26
CA VAL D 145 -2.20 12.18 20.36
C VAL D 145 -1.60 12.67 19.04
N TYR D 146 -2.19 13.72 18.48
CA TYR D 146 -1.77 14.35 17.20
C TYR D 146 -1.23 15.74 17.53
N ARG D 147 -0.08 16.10 16.94
CA ARG D 147 0.57 17.43 17.14
C ARG D 147 0.82 18.11 15.79
N ILE D 148 0.31 19.34 15.65
CA ILE D 148 0.78 20.35 14.66
C ILE D 148 1.63 21.36 15.42
N HIS D 149 2.92 21.45 15.10
CA HIS D 149 3.88 22.31 15.83
C HIS D 149 4.49 23.36 14.90
N ARG D 150 4.41 24.63 15.29
CA ARG D 150 4.96 25.77 14.51
C ARG D 150 4.62 25.61 13.03
N SER D 151 3.39 25.22 12.71
CA SER D 151 2.87 25.24 11.31
C SER D 151 2.83 26.70 10.85
N PRO D 152 3.48 27.06 9.73
CA PRO D 152 3.59 28.47 9.34
C PRO D 152 2.29 29.04 8.75
N MET D 153 1.95 30.28 9.12
CA MET D 153 0.83 31.06 8.56
C MET D 153 1.07 31.34 7.07
N CYS D 154 0.05 31.19 6.22
CA CYS D 154 0.06 31.62 4.80
C CYS D 154 0.30 33.14 4.73
N GLU D 155 0.80 33.62 3.58
CA GLU D 155 1.10 35.05 3.33
C GLU D 155 -0.18 35.88 3.48
N TYR D 156 -1.34 35.36 3.03
CA TYR D 156 -2.65 36.05 3.15
C TYR D 156 -2.85 36.51 4.59
N MET D 157 -2.74 35.57 5.53
CA MET D 157 -2.98 35.79 6.98
C MET D 157 -1.88 36.69 7.57
N ILE D 158 -0.64 36.59 7.12
CA ILE D 158 0.45 37.49 7.58
C ILE D 158 0.12 38.91 7.10
N ASN D 159 -0.30 39.05 5.84
CA ASN D 159 -0.60 40.37 5.22
C ASN D 159 -1.80 40.99 5.94
N PHE D 160 -2.86 40.20 6.14
CA PHE D 160 -4.08 40.57 6.91
C PHE D 160 -3.68 41.18 8.26
N ILE D 161 -2.85 40.47 9.02
CA ILE D 161 -2.41 40.88 10.41
C ILE D 161 -1.66 42.22 10.31
N HIS D 162 -0.83 42.42 9.27
CA HIS D 162 -0.11 43.70 9.04
C HIS D 162 -1.14 44.82 8.77
N LYS D 163 -2.08 44.59 7.84
CA LYS D 163 -3.16 45.55 7.50
C LYS D 163 -3.94 45.90 8.76
N LEU D 164 -4.33 44.89 9.55
CA LEU D 164 -5.14 45.05 10.79
C LEU D 164 -4.39 45.93 11.80
N LYS D 165 -3.09 45.67 12.02
CA LYS D 165 -2.28 46.32 13.09
C LYS D 165 -2.17 47.82 12.84
N HIS D 166 -2.22 48.26 11.58
CA HIS D 166 -1.98 49.67 11.17
C HIS D 166 -3.28 50.49 11.17
N LEU D 167 -4.44 49.87 11.45
CA LEU D 167 -5.74 50.58 11.51
C LEU D 167 -5.80 51.44 12.77
N PRO D 168 -6.49 52.59 12.74
CA PRO D 168 -6.28 53.66 13.72
C PRO D 168 -6.64 53.30 15.17
N GLU D 169 -7.82 52.73 15.40
CA GLU D 169 -8.32 52.37 16.76
C GLU D 169 -9.23 51.14 16.65
N LYS D 170 -9.55 50.53 17.80
CA LYS D 170 -10.14 49.18 17.92
C LYS D 170 -11.45 49.09 17.12
N TYR D 171 -12.26 50.16 17.10
CA TYR D 171 -13.59 50.16 16.45
C TYR D 171 -13.42 49.72 14.98
N MET D 172 -12.39 50.27 14.33
CA MET D 172 -12.03 50.02 12.91
C MET D 172 -11.65 48.54 12.71
N MET D 173 -10.75 48.03 13.56
CA MET D 173 -10.24 46.63 13.51
C MET D 173 -11.43 45.66 13.61
N ASN D 174 -12.33 45.89 14.59
CA ASN D 174 -13.58 45.10 14.77
C ASN D 174 -14.41 45.18 13.50
N SER D 175 -14.48 46.36 12.88
CA SER D 175 -15.11 46.61 11.55
C SER D 175 -14.66 45.54 10.56
N VAL D 176 -13.34 45.32 10.45
CA VAL D 176 -12.71 44.37 9.48
C VAL D 176 -12.93 42.93 9.96
N LEU D 177 -12.80 42.69 11.27
CA LEU D 177 -12.75 41.33 11.87
C LEU D 177 -14.14 40.68 11.93
N GLU D 178 -15.21 41.45 11.74
CA GLU D 178 -16.61 40.91 11.71
C GLU D 178 -16.80 40.07 10.45
N ASN D 179 -16.01 40.34 9.40
CA ASN D 179 -16.18 39.77 8.04
C ASN D 179 -15.11 38.70 7.80
N PHE D 180 -14.22 38.49 8.78
CA PHE D 180 -13.14 37.47 8.77
C PHE D 180 -13.56 36.28 9.64
N THR D 181 -13.47 35.06 9.10
CA THR D 181 -13.76 33.79 9.83
C THR D 181 -12.79 32.69 9.41
N ILE D 182 -12.59 31.70 10.28
CA ILE D 182 -11.79 30.47 9.99
C ILE D 182 -12.64 29.25 10.37
N LEU D 183 -12.66 28.24 9.50
CA LEU D 183 -13.32 26.93 9.75
C LEU D 183 -12.24 25.85 9.72
N GLN D 184 -12.05 25.15 10.84
CA GLN D 184 -11.17 23.96 10.93
C GLN D 184 -12.06 22.72 10.98
N VAL D 185 -11.89 21.81 10.03
CA VAL D 185 -12.60 20.50 9.97
C VAL D 185 -11.55 19.40 10.12
N VAL D 186 -11.69 18.54 11.13
CA VAL D 186 -10.82 17.35 11.30
C VAL D 186 -11.64 16.11 10.92
N THR D 187 -11.18 15.38 9.89
CA THR D 187 -11.76 14.12 9.37
C THR D 187 -10.76 12.99 9.62
N SER D 188 -11.23 11.74 9.59
CA SER D 188 -10.36 10.54 9.43
C SER D 188 -9.90 10.52 7.97
N ARG D 189 -8.61 10.41 7.71
CA ARG D 189 -8.02 10.49 6.36
C ARG D 189 -8.75 9.52 5.43
N ASP D 190 -8.89 8.26 5.87
CA ASP D 190 -9.34 7.12 5.02
C ASP D 190 -10.85 7.25 4.77
N SER D 191 -11.67 7.15 5.81
CA SER D 191 -13.16 7.07 5.73
C SER D 191 -13.79 8.44 5.45
N GLN D 192 -13.09 9.54 5.80
CA GLN D 192 -13.50 10.95 5.57
C GLN D 192 -14.64 11.36 6.50
N GLU D 193 -14.92 10.59 7.56
CA GLU D 193 -15.99 10.87 8.55
C GLU D 193 -15.56 12.03 9.46
N THR D 194 -16.40 13.08 9.55
CA THR D 194 -16.17 14.27 10.41
C THR D 194 -15.92 13.85 11.86
N LEU D 195 -14.73 14.11 12.39
CA LEU D 195 -14.34 13.81 13.80
C LEU D 195 -14.64 15.03 14.69
N LEU D 196 -14.23 16.21 14.25
CA LEU D 196 -14.35 17.48 15.01
C LEU D 196 -14.45 18.64 14.02
N VAL D 197 -15.28 19.65 14.32
CA VAL D 197 -15.42 20.87 13.49
C VAL D 197 -15.41 22.08 14.43
N ILE D 198 -14.70 23.14 14.06
CA ILE D 198 -14.58 24.38 14.89
C ILE D 198 -14.67 25.59 13.96
N ALA D 199 -15.74 26.38 14.10
CA ALA D 199 -15.94 27.67 13.40
C ALA D 199 -15.40 28.79 14.30
N PHE D 200 -14.40 29.53 13.83
CA PHE D 200 -13.81 30.68 14.57
C PHE D 200 -14.37 31.98 14.01
N VAL D 201 -15.00 32.77 14.90
CA VAL D 201 -15.40 34.20 14.68
C VAL D 201 -14.52 35.05 15.60
N PHE D 202 -14.34 36.33 15.26
CA PHE D 202 -13.25 37.18 15.80
C PHE D 202 -13.73 38.58 16.16
N GLU D 203 -13.15 39.11 17.23
CA GLU D 203 -13.26 40.51 17.70
C GLU D 203 -11.85 40.95 18.11
N VAL D 204 -11.72 42.13 18.68
CA VAL D 204 -10.40 42.66 19.13
C VAL D 204 -10.38 42.69 20.66
N SER D 205 -9.25 42.30 21.23
CA SER D 205 -8.95 42.41 22.68
C SER D 205 -8.62 43.86 23.00
N THR D 206 -9.31 44.42 24.00
CA THR D 206 -9.04 45.76 24.59
C THR D 206 -8.58 45.58 26.04
N SER D 207 -9.30 44.76 26.80
CA SER D 207 -9.00 44.40 28.20
C SER D 207 -7.51 44.11 28.35
N GLU D 208 -6.84 44.84 29.24
CA GLU D 208 -5.40 44.61 29.61
C GLU D 208 -5.20 43.14 30.00
N HIS D 209 -6.27 42.45 30.39
CA HIS D 209 -6.30 41.00 30.71
C HIS D 209 -5.75 40.21 29.51
N GLY D 210 -6.14 40.60 28.29
CA GLY D 210 -5.57 40.11 27.02
C GLY D 210 -6.56 39.24 26.24
N ALA D 211 -6.03 38.44 25.31
CA ALA D 211 -6.79 37.53 24.41
C ALA D 211 -7.72 36.64 25.24
N GLN D 212 -9.02 36.95 25.22
CA GLN D 212 -10.10 36.06 25.73
C GLN D 212 -10.58 35.18 24.58
N HIS D 213 -11.41 34.19 24.91
CA HIS D 213 -12.20 33.36 23.97
C HIS D 213 -13.44 32.85 24.71
N HIS D 214 -14.51 32.58 23.98
CA HIS D 214 -15.75 31.95 24.50
C HIS D 214 -16.03 30.75 23.61
N VAL D 215 -16.36 29.60 24.20
CA VAL D 215 -16.65 28.33 23.48
C VAL D 215 -18.17 28.11 23.54
N TYR D 216 -18.78 27.71 22.42
CA TYR D 216 -20.21 27.35 22.33
C TYR D 216 -20.33 25.99 21.62
N LYS D 217 -21.32 25.20 21.99
CA LYS D 217 -21.76 24.01 21.21
C LYS D 217 -22.72 24.51 20.12
N LEU D 218 -22.50 24.11 18.87
CA LEU D 218 -23.44 24.40 17.75
C LEU D 218 -24.56 23.37 17.79
N VAL D 219 -25.80 23.84 17.58
CA VAL D 219 -27.04 23.00 17.63
C VAL D 219 -27.97 23.41 16.49
N LYS D 220 -28.95 22.57 16.17
CA LYS D 220 -30.04 22.86 15.20
C LYS D 220 -31.37 22.64 15.93
N ASP D 221 -31.70 23.54 16.87
CA ASP D 221 -32.91 23.47 17.74
C ASP D 221 -34.16 23.55 16.86
#